data_1FOJ
#
_entry.id   1FOJ
#
_cell.length_a   58.380
_cell.length_b   106.490
_cell.length_c   155.700
_cell.angle_alpha   90.00
_cell.angle_beta   90.00
_cell.angle_gamma   90.00
#
_symmetry.space_group_name_H-M   'P 21 21 21'
#
loop_
_entity.id
_entity.type
_entity.pdbx_description
1 polymer 'NITRIC-OXIDE SYNTHASE'
2 non-polymer 'CACODYLATE ION'
3 non-polymer 'ACETATE ION'
4 non-polymer 'ZINC ION'
5 non-polymer 'PROTOPORPHYRIN IX CONTAINING FE'
6 non-polymer 7-NITROINDAZOLE
7 non-polymer 7-NITROINDAZOLE-2-CARBOXAMIDINE
8 water water
#
_entity_poly.entity_id   1
_entity_poly.type   'polypeptide(L)'
_entity_poly.pdbx_seq_one_letter_code
;SRAPAPATPHAPDHSPAPNSPTLTRPPEGPKFPRVKNWELGSITYDTLCAQSQQDGPCTPRRCLGSLVLPRKLQTRPSPG
PPPAEQLLSQARDFINQYYSSIKRSGSQAHEERLQEVEAEVASTGTYHLRESELVFGAKQAWRNAPRCVGRIQWGKLQVF
DARDCSSAQEMFTYICNHIKYATNRGNLRSAITVFPQRAPGRGDFRIWNSQLVRYAGYRQQDGSVRGDPANVEITELCIQ
HGWTPGNGRFDVLPLLLQAPDEAPELFVLPPELVLEVPLEHPTLEWFAALGLRWYALPAVSNMLLEIGGLEFSAAPFSGW
YMSTEIGTRNLCDPHRYNILEDVAVCMDLDTRTTSSLWKDKAAVEINLAVLHSFQLAKVTIVDHHAATVSFMKHLDNEQK
ARGGCPADWAWIVPPISGSLTPVFHQEMVNYILSPAFRYQPDPW
;
_entity_poly.pdbx_strand_id   A,B
#
# COMPACT_ATOMS: atom_id res chain seq x y z
N GLY A 29 9.65 -17.88 -17.07
CA GLY A 29 10.09 -19.19 -16.52
C GLY A 29 8.97 -19.94 -15.85
N PRO A 30 8.98 -20.01 -14.50
CA PRO A 30 7.95 -20.72 -13.75
C PRO A 30 6.56 -20.08 -13.90
N LYS A 31 5.52 -20.93 -13.89
CA LYS A 31 4.12 -20.52 -14.02
C LYS A 31 3.57 -20.06 -12.66
N PHE A 32 4.37 -19.28 -11.96
CA PHE A 32 3.97 -18.77 -10.65
C PHE A 32 4.35 -17.31 -10.58
N PRO A 33 3.67 -16.54 -9.72
CA PRO A 33 3.99 -15.11 -9.59
C PRO A 33 5.46 -14.92 -9.25
N ARG A 34 6.11 -14.01 -9.98
CA ARG A 34 7.51 -13.68 -9.76
C ARG A 34 7.52 -12.46 -8.86
N VAL A 35 8.19 -12.59 -7.72
CA VAL A 35 8.22 -11.51 -6.74
C VAL A 35 9.63 -10.95 -6.62
N LYS A 36 9.73 -9.63 -6.62
CA LYS A 36 11.03 -8.98 -6.56
C LYS A 36 11.22 -8.00 -5.41
N ASN A 37 12.44 -7.95 -4.90
CA ASN A 37 12.80 -7.01 -3.85
C ASN A 37 13.70 -5.99 -4.52
N TRP A 38 13.20 -4.78 -4.74
CA TRP A 38 13.95 -3.74 -5.42
C TRP A 38 15.13 -3.10 -4.70
N GLU A 39 15.32 -3.43 -3.41
CA GLU A 39 16.45 -2.88 -2.68
C GLU A 39 17.63 -3.81 -2.89
N LEU A 40 17.35 -5.12 -2.79
CA LEU A 40 18.37 -6.14 -2.91
C LEU A 40 18.46 -6.75 -4.31
N GLY A 41 17.51 -6.40 -5.16
CA GLY A 41 17.49 -6.92 -6.51
C GLY A 41 17.19 -8.40 -6.63
N SER A 42 16.85 -9.06 -5.52
CA SER A 42 16.56 -10.49 -5.54
C SER A 42 15.17 -10.88 -6.01
N ILE A 43 15.06 -12.11 -6.49
CA ILE A 43 13.82 -12.66 -7.02
C ILE A 43 13.40 -13.96 -6.31
N THR A 44 12.09 -14.18 -6.23
CA THR A 44 11.54 -15.41 -5.66
C THR A 44 10.23 -15.68 -6.39
N TYR A 45 9.78 -16.93 -6.39
CA TYR A 45 8.53 -17.28 -7.02
C TYR A 45 7.64 -17.86 -5.94
N ASP A 46 6.41 -17.36 -5.85
CA ASP A 46 5.50 -17.86 -4.84
C ASP A 46 4.70 -19.00 -5.46
N THR A 47 4.91 -20.20 -4.96
CA THR A 47 4.20 -21.38 -5.46
C THR A 47 3.18 -21.78 -4.41
N LEU A 48 3.26 -21.18 -3.23
CA LEU A 48 2.34 -21.49 -2.14
C LEU A 48 0.93 -21.03 -2.45
N CYS A 49 0.79 -19.93 -3.17
CA CYS A 49 -0.52 -19.40 -3.54
C CYS A 49 -1.35 -20.43 -4.27
N ALA A 50 -0.68 -21.39 -4.90
CA ALA A 50 -1.36 -22.45 -5.65
C ALA A 50 -2.25 -23.29 -4.74
N GLN A 51 -1.97 -23.24 -3.45
CA GLN A 51 -2.73 -24.02 -2.48
C GLN A 51 -4.01 -23.31 -2.02
N SER A 52 -4.15 -22.04 -2.39
CA SER A 52 -5.34 -21.28 -2.01
C SER A 52 -6.60 -22.00 -2.47
N GLN A 53 -7.64 -21.95 -1.64
CA GLN A 53 -8.91 -22.58 -1.97
C GLN A 53 -10.06 -21.58 -1.79
N GLN A 54 -9.70 -20.36 -1.40
CA GLN A 54 -10.67 -19.29 -1.16
C GLN A 54 -10.39 -18.14 -2.10
N ASP A 55 -11.39 -17.72 -2.85
CA ASP A 55 -11.24 -16.61 -3.79
C ASP A 55 -11.19 -15.27 -3.08
N GLY A 56 -10.36 -14.38 -3.61
CA GLY A 56 -10.24 -13.05 -3.06
C GLY A 56 -11.19 -12.12 -3.81
N PRO A 57 -11.07 -10.80 -3.61
CA PRO A 57 -11.92 -9.80 -4.26
C PRO A 57 -11.49 -9.28 -5.63
N CYS A 58 -10.25 -9.55 -6.03
CA CYS A 58 -9.75 -9.06 -7.31
C CYS A 58 -10.14 -9.94 -8.49
N THR A 59 -10.09 -9.34 -9.68
CA THR A 59 -10.37 -10.05 -10.92
C THR A 59 -9.41 -9.47 -11.94
N PRO A 60 -9.26 -10.11 -13.10
CA PRO A 60 -8.34 -9.58 -14.10
C PRO A 60 -8.71 -8.18 -14.59
N ARG A 61 -9.95 -7.76 -14.37
CA ARG A 61 -10.37 -6.43 -14.83
C ARG A 61 -10.12 -5.33 -13.81
N ARG A 62 -10.13 -5.67 -12.52
CA ARG A 62 -9.87 -4.66 -11.50
C ARG A 62 -9.40 -5.21 -10.16
N CYS A 63 -8.47 -4.48 -9.54
CA CYS A 63 -7.90 -4.84 -8.26
C CYS A 63 -8.65 -4.15 -7.11
N LEU A 64 -9.17 -4.93 -6.18
CA LEU A 64 -9.87 -4.39 -5.02
C LEU A 64 -9.04 -4.70 -3.77
N GLY A 65 -7.73 -4.87 -3.99
CA GLY A 65 -6.82 -5.18 -2.91
C GLY A 65 -6.77 -4.16 -1.79
N SER A 66 -7.03 -2.89 -2.10
CA SER A 66 -6.98 -1.86 -1.08
C SER A 66 -8.21 -1.82 -0.16
N LEU A 67 -9.23 -2.60 -0.45
CA LEU A 67 -10.41 -2.57 0.40
C LEU A 67 -10.21 -3.26 1.74
N VAL A 68 -10.66 -2.59 2.81
CA VAL A 68 -10.51 -3.09 4.16
C VAL A 68 -11.35 -4.34 4.42
N LEU A 69 -12.62 -4.27 4.06
CA LEU A 69 -13.53 -5.39 4.25
C LEU A 69 -14.02 -5.93 2.92
N PRO A 70 -13.34 -6.95 2.38
CA PRO A 70 -13.83 -7.49 1.11
C PRO A 70 -14.98 -8.45 1.46
N ARG A 71 -16.18 -8.14 0.99
CA ARG A 71 -17.37 -8.95 1.28
C ARG A 71 -17.23 -10.45 1.06
N LYS A 72 -16.00 -10.89 0.78
CA LYS A 72 -15.71 -12.31 0.55
C LYS A 72 -15.68 -13.08 1.87
N LEU A 73 -14.54 -13.07 2.56
CA LEU A 73 -14.38 -13.78 3.83
C LEU A 73 -15.60 -13.62 4.74
N GLN A 74 -15.86 -12.37 5.14
CA GLN A 74 -17.00 -12.01 6.00
C GLN A 74 -17.97 -13.18 6.23
N THR A 75 -17.57 -14.11 7.09
CA THR A 75 -18.36 -15.30 7.41
C THR A 75 -19.76 -15.00 7.94
N ARG A 76 -20.65 -14.59 7.03
CA ARG A 76 -22.03 -14.25 7.36
C ARG A 76 -22.74 -15.46 7.97
N PRO A 77 -23.20 -15.34 9.23
CA PRO A 77 -23.89 -16.43 9.94
C PRO A 77 -24.84 -17.23 9.06
N SER A 78 -24.30 -18.27 8.43
CA SER A 78 -25.08 -19.13 7.54
C SER A 78 -26.18 -19.81 8.34
N PRO A 79 -27.42 -19.75 7.83
CA PRO A 79 -28.59 -20.36 8.47
C PRO A 79 -28.34 -21.78 9.01
N GLY A 80 -28.05 -22.70 8.10
CA GLY A 80 -27.79 -24.07 8.53
C GLY A 80 -26.34 -24.47 8.37
N PRO A 81 -25.95 -25.66 8.85
CA PRO A 81 -24.57 -26.13 8.75
C PRO A 81 -24.16 -26.13 7.27
N PRO A 82 -22.86 -25.92 6.99
CA PRO A 82 -22.41 -25.91 5.60
C PRO A 82 -22.84 -27.19 4.88
N PRO A 83 -22.98 -27.13 3.54
CA PRO A 83 -23.39 -28.35 2.83
C PRO A 83 -22.44 -29.46 3.27
N ALA A 84 -23.01 -30.54 3.80
CA ALA A 84 -22.22 -31.68 4.27
C ALA A 84 -20.99 -31.96 3.43
N GLU A 85 -21.09 -31.70 2.13
CA GLU A 85 -19.96 -31.96 1.24
C GLU A 85 -18.95 -30.82 1.23
N GLN A 86 -19.44 -29.59 1.30
CA GLN A 86 -18.59 -28.41 1.33
C GLN A 86 -17.69 -28.53 2.56
N LEU A 87 -18.31 -28.92 3.68
CA LEU A 87 -17.59 -29.09 4.94
C LEU A 87 -16.61 -30.25 4.90
N LEU A 88 -17.05 -31.37 4.33
CA LEU A 88 -16.24 -32.57 4.24
C LEU A 88 -14.90 -32.33 3.57
N SER A 89 -14.93 -31.72 2.39
CA SER A 89 -13.68 -31.45 1.67
C SER A 89 -12.80 -30.49 2.45
N GLN A 90 -13.42 -29.51 3.11
CA GLN A 90 -12.64 -28.55 3.89
C GLN A 90 -11.98 -29.30 5.03
N ALA A 91 -12.75 -30.13 5.73
CA ALA A 91 -12.22 -30.89 6.85
C ALA A 91 -11.13 -31.85 6.36
N ARG A 92 -11.39 -32.51 5.24
CA ARG A 92 -10.40 -33.45 4.72
C ARG A 92 -9.09 -32.73 4.45
N ASP A 93 -9.20 -31.51 3.92
CA ASP A 93 -8.02 -30.69 3.63
C ASP A 93 -7.26 -30.38 4.91
N PHE A 94 -7.96 -29.89 5.94
CA PHE A 94 -7.31 -29.58 7.20
C PHE A 94 -6.60 -30.78 7.83
N ILE A 95 -7.28 -31.92 7.87
CA ILE A 95 -6.67 -33.12 8.44
C ILE A 95 -5.39 -33.44 7.69
N ASN A 96 -5.41 -33.34 6.37
CA ASN A 96 -4.23 -33.62 5.57
C ASN A 96 -3.10 -32.68 5.97
N GLN A 97 -3.42 -31.41 6.22
CA GLN A 97 -2.42 -30.45 6.62
C GLN A 97 -1.81 -30.84 7.97
N TYR A 98 -2.65 -31.32 8.87
CA TYR A 98 -2.18 -31.72 10.18
C TYR A 98 -1.21 -32.88 10.13
N TYR A 99 -1.59 -33.95 9.42
CA TYR A 99 -0.71 -35.10 9.33
C TYR A 99 0.61 -34.81 8.60
N SER A 100 0.57 -33.84 7.68
CA SER A 100 1.79 -33.47 6.96
C SER A 100 2.69 -32.74 7.95
N SER A 101 2.09 -31.86 8.74
CA SER A 101 2.85 -31.09 9.71
C SER A 101 3.55 -32.00 10.70
N ILE A 102 3.02 -33.22 10.89
CA ILE A 102 3.66 -34.16 11.79
C ILE A 102 4.36 -35.28 11.01
N LYS A 103 4.55 -35.05 9.72
CA LYS A 103 5.22 -35.99 8.83
C LYS A 103 4.66 -37.42 8.85
N ARG A 104 3.34 -37.54 8.65
CA ARG A 104 2.70 -38.84 8.66
C ARG A 104 1.59 -38.94 7.62
N SER A 105 1.77 -38.26 6.49
CA SER A 105 0.77 -38.31 5.44
C SER A 105 0.66 -39.73 4.91
N GLY A 106 -0.57 -40.15 4.59
CA GLY A 106 -0.78 -41.48 4.06
C GLY A 106 -0.69 -42.59 5.10
N SER A 107 -0.33 -42.24 6.32
CA SER A 107 -0.20 -43.22 7.38
C SER A 107 -1.54 -43.80 7.80
N GLN A 108 -1.49 -44.86 8.60
CA GLN A 108 -2.69 -45.53 9.09
C GLN A 108 -3.50 -44.59 9.97
N ALA A 109 -2.82 -43.80 10.78
CA ALA A 109 -3.50 -42.87 11.67
C ALA A 109 -4.22 -41.80 10.86
N HIS A 110 -3.63 -41.43 9.71
CA HIS A 110 -4.20 -40.41 8.84
C HIS A 110 -5.50 -40.84 8.16
N GLU A 111 -5.50 -42.02 7.52
CA GLU A 111 -6.71 -42.50 6.85
C GLU A 111 -7.82 -42.82 7.85
N GLU A 112 -7.42 -43.18 9.06
CA GLU A 112 -8.38 -43.47 10.11
C GLU A 112 -9.06 -42.18 10.55
N ARG A 113 -8.23 -41.16 10.80
CA ARG A 113 -8.76 -39.89 11.21
C ARG A 113 -9.69 -39.37 10.13
N LEU A 114 -9.33 -39.64 8.88
CA LEU A 114 -10.17 -39.21 7.76
C LEU A 114 -11.52 -39.91 7.87
N GLN A 115 -11.48 -41.22 8.13
CA GLN A 115 -12.70 -42.01 8.26
C GLN A 115 -13.48 -41.56 9.49
N GLU A 116 -12.75 -41.17 10.52
CA GLU A 116 -13.34 -40.71 11.77
C GLU A 116 -14.14 -39.43 11.56
N VAL A 117 -13.53 -38.48 10.85
CA VAL A 117 -14.17 -37.19 10.58
C VAL A 117 -15.41 -37.35 9.71
N GLU A 118 -15.29 -38.11 8.64
CA GLU A 118 -16.42 -38.32 7.73
C GLU A 118 -17.56 -39.03 8.46
N ALA A 119 -17.23 -40.11 9.17
CA ALA A 119 -18.23 -40.85 9.92
C ALA A 119 -19.01 -39.87 10.80
N GLU A 120 -18.27 -39.03 11.51
CA GLU A 120 -18.86 -38.05 12.40
C GLU A 120 -19.74 -37.05 11.67
N VAL A 121 -19.27 -36.54 10.54
CA VAL A 121 -20.06 -35.59 9.78
C VAL A 121 -21.33 -36.29 9.28
N ALA A 122 -21.20 -37.57 8.96
CA ALA A 122 -22.31 -38.37 8.47
C ALA A 122 -23.42 -38.56 9.50
N SER A 123 -23.06 -38.71 10.77
CA SER A 123 -24.06 -38.91 11.80
C SER A 123 -24.52 -37.65 12.54
N THR A 124 -23.74 -36.57 12.50
CA THR A 124 -24.13 -35.34 13.21
C THR A 124 -24.14 -34.07 12.35
N GLY A 125 -23.56 -34.13 11.16
CA GLY A 125 -23.54 -32.95 10.32
C GLY A 125 -22.32 -32.07 10.53
N THR A 126 -21.55 -32.37 11.57
CA THR A 126 -20.36 -31.61 11.88
C THR A 126 -19.34 -32.56 12.47
N TYR A 127 -18.29 -32.01 13.09
CA TYR A 127 -17.26 -32.84 13.72
C TYR A 127 -16.44 -32.02 14.72
N HIS A 128 -15.58 -32.70 15.47
CA HIS A 128 -14.75 -32.03 16.46
C HIS A 128 -13.27 -32.31 16.28
N LEU A 129 -12.45 -31.32 16.62
CA LEU A 129 -11.00 -31.42 16.48
C LEU A 129 -10.35 -31.99 17.72
N ARG A 130 -9.22 -32.63 17.56
CA ARG A 130 -8.51 -33.16 18.70
C ARG A 130 -7.70 -31.97 19.24
N GLU A 131 -7.31 -32.04 20.51
CA GLU A 131 -6.55 -30.96 21.12
C GLU A 131 -5.40 -30.44 20.26
N SER A 132 -4.47 -31.33 19.92
CA SER A 132 -3.32 -30.95 19.12
C SER A 132 -3.74 -30.34 17.80
N GLU A 133 -4.79 -30.88 17.19
CA GLU A 133 -5.29 -30.36 15.92
C GLU A 133 -5.71 -28.89 16.07
N LEU A 134 -6.34 -28.57 17.20
CA LEU A 134 -6.77 -27.19 17.43
C LEU A 134 -5.52 -26.31 17.57
N VAL A 135 -4.56 -26.76 18.35
CA VAL A 135 -3.32 -26.02 18.55
C VAL A 135 -2.67 -25.74 17.20
N PHE A 136 -2.65 -26.76 16.35
CA PHE A 136 -2.06 -26.63 15.03
C PHE A 136 -2.81 -25.63 14.15
N GLY A 137 -4.13 -25.71 14.16
CA GLY A 137 -4.92 -24.80 13.33
C GLY A 137 -4.83 -23.36 13.79
N ALA A 138 -4.83 -23.17 15.10
CA ALA A 138 -4.74 -21.83 15.68
C ALA A 138 -3.45 -21.17 15.19
N LYS A 139 -2.33 -21.89 15.30
CA LYS A 139 -1.04 -21.36 14.87
C LYS A 139 -1.03 -21.12 13.36
N GLN A 140 -1.56 -22.07 12.59
CA GLN A 140 -1.59 -21.92 11.15
C GLN A 140 -2.38 -20.69 10.74
N ALA A 141 -3.51 -20.47 11.40
CA ALA A 141 -4.35 -19.31 11.10
C ALA A 141 -3.57 -18.01 11.29
N TRP A 142 -2.77 -17.95 12.34
CA TRP A 142 -2.00 -16.74 12.57
C TRP A 142 -0.94 -16.70 11.48
N ARG A 143 -0.33 -17.85 11.25
CA ARG A 143 0.70 -17.99 10.25
C ARG A 143 0.17 -17.54 8.88
N ASN A 144 -1.10 -17.81 8.64
CA ASN A 144 -1.71 -17.46 7.36
C ASN A 144 -2.23 -16.03 7.20
N ALA A 145 -2.32 -15.27 8.29
CA ALA A 145 -2.82 -13.89 8.24
C ALA A 145 -1.95 -12.95 7.39
N PRO A 146 -2.43 -12.57 6.20
CA PRO A 146 -1.75 -11.69 5.25
C PRO A 146 -1.47 -10.28 5.74
N ARG A 147 -2.23 -9.84 6.72
CA ARG A 147 -2.08 -8.48 7.21
C ARG A 147 -1.24 -8.29 8.45
N CYS A 148 -0.73 -9.39 9.02
CA CYS A 148 0.05 -9.31 10.24
C CYS A 148 1.56 -9.31 10.00
N VAL A 149 2.20 -8.25 10.47
CA VAL A 149 3.64 -8.07 10.32
C VAL A 149 4.44 -8.87 11.35
N GLY A 150 3.80 -9.34 12.41
CA GLY A 150 4.53 -10.06 13.45
C GLY A 150 4.51 -11.59 13.38
N ARG A 151 4.26 -12.13 12.21
CA ARG A 151 4.18 -13.58 12.07
C ARG A 151 5.46 -14.38 12.30
N ILE A 152 6.58 -13.69 12.49
CA ILE A 152 7.81 -14.42 12.74
C ILE A 152 7.68 -15.11 14.10
N GLN A 153 6.67 -14.69 14.87
CA GLN A 153 6.42 -15.27 16.19
C GLN A 153 5.36 -16.38 16.16
N TRP A 154 4.77 -16.60 15.00
CA TRP A 154 3.69 -17.57 14.85
C TRP A 154 3.82 -18.92 15.58
N GLY A 155 4.99 -19.55 15.50
CA GLY A 155 5.16 -20.84 16.16
C GLY A 155 5.09 -20.77 17.67
N LYS A 156 5.16 -19.57 18.22
CA LYS A 156 5.12 -19.39 19.66
C LYS A 156 3.80 -18.78 20.08
N LEU A 157 2.76 -19.60 20.10
CA LEU A 157 1.44 -19.14 20.48
C LEU A 157 0.88 -20.08 21.54
N GLN A 158 0.44 -19.51 22.65
CA GLN A 158 -0.14 -20.32 23.72
C GLN A 158 -1.63 -20.47 23.40
N VAL A 159 -2.05 -21.69 23.12
CA VAL A 159 -3.45 -21.95 22.79
C VAL A 159 -4.23 -22.47 23.99
N PHE A 160 -5.16 -21.66 24.49
CA PHE A 160 -5.99 -22.06 25.60
C PHE A 160 -7.25 -22.70 25.02
N ASP A 161 -7.49 -23.96 25.36
CA ASP A 161 -8.66 -24.65 24.87
C ASP A 161 -9.78 -24.35 25.86
N ALA A 162 -10.86 -23.75 25.38
CA ALA A 162 -11.98 -23.43 26.25
C ALA A 162 -13.28 -23.85 25.60
N ARG A 163 -13.23 -24.99 24.93
CA ARG A 163 -14.39 -25.52 24.24
C ARG A 163 -15.39 -26.20 25.19
N ASP A 164 -15.09 -26.19 26.49
CA ASP A 164 -15.96 -26.78 27.50
C ASP A 164 -16.84 -25.69 28.11
N CYS A 165 -16.46 -24.44 27.86
CA CYS A 165 -17.18 -23.28 28.37
C CYS A 165 -18.67 -23.35 28.05
N SER A 166 -19.52 -23.14 29.06
CA SER A 166 -20.95 -23.23 28.83
C SER A 166 -21.75 -21.99 29.26
N SER A 167 -21.11 -21.00 29.86
CA SER A 167 -21.82 -19.80 30.27
C SER A 167 -21.03 -18.52 30.03
N ALA A 168 -21.75 -17.42 29.93
CA ALA A 168 -21.13 -16.13 29.72
C ALA A 168 -20.22 -15.80 30.91
N GLN A 169 -20.63 -16.21 32.10
CA GLN A 169 -19.83 -15.98 33.30
C GLN A 169 -18.52 -16.76 33.19
N GLU A 170 -18.60 -17.97 32.65
CA GLU A 170 -17.40 -18.79 32.49
C GLU A 170 -16.51 -18.14 31.41
N MET A 171 -17.12 -17.56 30.38
CA MET A 171 -16.36 -16.88 29.34
C MET A 171 -15.56 -15.78 30.01
N PHE A 172 -16.15 -15.15 31.02
CA PHE A 172 -15.48 -14.07 31.73
C PHE A 172 -14.25 -14.59 32.44
N THR A 173 -14.36 -15.77 33.06
CA THR A 173 -13.24 -16.38 33.79
C THR A 173 -12.07 -16.64 32.82
N TYR A 174 -12.37 -17.33 31.73
CA TYR A 174 -11.36 -17.63 30.71
C TYR A 174 -10.68 -16.35 30.23
N ILE A 175 -11.48 -15.38 29.81
CA ILE A 175 -10.94 -14.11 29.32
C ILE A 175 -10.01 -13.47 30.35
N CYS A 176 -10.38 -13.52 31.63
CA CYS A 176 -9.54 -12.93 32.69
C CYS A 176 -8.24 -13.72 32.85
N ASN A 177 -8.28 -15.03 32.67
CA ASN A 177 -7.08 -15.84 32.79
C ASN A 177 -6.20 -15.54 31.58
N HIS A 178 -6.84 -15.29 30.44
CA HIS A 178 -6.12 -14.98 29.22
C HIS A 178 -5.35 -13.68 29.45
N ILE A 179 -6.07 -12.65 29.89
CA ILE A 179 -5.46 -11.36 30.15
C ILE A 179 -4.33 -11.47 31.16
N LYS A 180 -4.53 -12.30 32.18
CA LYS A 180 -3.51 -12.49 33.21
C LYS A 180 -2.24 -13.13 32.64
N TYR A 181 -2.43 -14.24 31.95
CA TYR A 181 -1.31 -14.97 31.36
C TYR A 181 -0.65 -14.14 30.26
N ALA A 182 -1.47 -13.55 29.39
CA ALA A 182 -0.96 -12.75 28.27
C ALA A 182 -0.19 -11.51 28.70
N THR A 183 -0.70 -10.79 29.69
CA THR A 183 -0.05 -9.57 30.16
C THR A 183 1.27 -9.92 30.86
N ASN A 184 1.20 -10.89 31.77
CA ASN A 184 2.38 -11.36 32.50
C ASN A 184 3.24 -10.22 33.05
N ARG A 185 2.59 -9.29 33.75
CA ARG A 185 3.25 -8.14 34.36
C ARG A 185 4.17 -7.36 33.43
N GLY A 186 3.79 -7.24 32.16
CA GLY A 186 4.63 -6.48 31.25
C GLY A 186 5.45 -7.27 30.25
N ASN A 187 5.74 -8.54 30.55
CA ASN A 187 6.50 -9.39 29.65
C ASN A 187 5.50 -10.23 28.86
N LEU A 188 4.76 -9.55 27.98
CA LEU A 188 3.71 -10.16 27.17
C LEU A 188 4.00 -11.46 26.41
N ARG A 189 2.99 -12.33 26.42
CA ARG A 189 3.08 -13.61 25.75
C ARG A 189 1.88 -13.75 24.82
N SER A 190 2.15 -14.14 23.58
CA SER A 190 1.07 -14.30 22.60
C SER A 190 0.15 -15.41 23.06
N ALA A 191 -1.16 -15.22 22.87
CA ALA A 191 -2.11 -16.25 23.26
C ALA A 191 -3.46 -16.12 22.58
N ILE A 192 -4.22 -17.21 22.61
CA ILE A 192 -5.54 -17.22 22.03
C ILE A 192 -6.39 -18.18 22.86
N THR A 193 -7.64 -17.83 23.12
CA THR A 193 -8.53 -18.69 23.90
C THR A 193 -9.66 -19.09 22.96
N VAL A 194 -9.84 -20.40 22.77
CA VAL A 194 -10.87 -20.88 21.86
C VAL A 194 -12.15 -21.40 22.52
N PHE A 195 -13.25 -20.68 22.32
CA PHE A 195 -14.54 -21.05 22.89
C PHE A 195 -15.26 -22.02 21.95
N PRO A 196 -16.37 -22.62 22.41
CA PRO A 196 -17.13 -23.57 21.58
C PRO A 196 -17.45 -23.12 20.15
N GLN A 197 -17.21 -24.01 19.20
CA GLN A 197 -17.45 -23.74 17.79
C GLN A 197 -18.95 -23.51 17.55
N ARG A 198 -19.29 -23.14 16.31
CA ARG A 198 -20.69 -22.92 15.96
C ARG A 198 -21.37 -24.25 15.72
N ALA A 199 -22.51 -24.46 16.36
CA ALA A 199 -23.24 -25.71 16.24
C ALA A 199 -24.54 -25.59 15.45
N PRO A 200 -24.89 -26.63 14.68
CA PRO A 200 -26.12 -26.66 13.87
C PRO A 200 -27.29 -26.27 14.75
N GLY A 201 -27.99 -25.20 14.37
CA GLY A 201 -29.13 -24.74 15.15
C GLY A 201 -28.85 -24.60 16.64
N ARG A 202 -28.09 -23.57 17.01
CA ARG A 202 -27.73 -23.30 18.40
C ARG A 202 -26.87 -22.04 18.44
N GLY A 203 -27.39 -20.98 19.05
CA GLY A 203 -26.67 -19.72 19.13
C GLY A 203 -25.15 -19.75 19.22
N ASP A 204 -24.51 -18.72 18.68
CA ASP A 204 -23.05 -18.58 18.70
C ASP A 204 -22.53 -18.05 20.02
N PHE A 205 -21.29 -18.37 20.34
CA PHE A 205 -20.65 -17.82 21.53
C PHE A 205 -20.05 -16.56 20.90
N ARG A 206 -20.34 -15.39 21.46
CA ARG A 206 -19.80 -14.15 20.90
C ARG A 206 -19.29 -13.15 21.92
N ILE A 207 -18.25 -12.42 21.52
CA ILE A 207 -17.72 -11.38 22.39
C ILE A 207 -18.09 -10.14 21.56
N TRP A 208 -18.96 -9.30 22.10
CA TRP A 208 -19.42 -8.12 21.39
C TRP A 208 -18.34 -7.07 21.17
N ASN A 209 -17.43 -6.94 22.13
CA ASN A 209 -16.34 -5.97 22.01
C ASN A 209 -15.40 -6.41 20.90
N SER A 210 -14.84 -5.44 20.18
CA SER A 210 -13.92 -5.75 19.09
C SER A 210 -12.55 -6.11 19.68
N GLN A 211 -12.28 -5.64 20.89
CA GLN A 211 -11.02 -5.94 21.59
C GLN A 211 -11.36 -6.14 23.06
N LEU A 212 -10.59 -6.98 23.75
CA LEU A 212 -10.86 -7.21 25.16
C LEU A 212 -10.62 -5.95 25.98
N VAL A 213 -9.75 -5.08 25.46
CA VAL A 213 -9.44 -3.84 26.15
C VAL A 213 -9.54 -2.65 25.19
N ARG A 214 -10.52 -1.79 25.45
CA ARG A 214 -10.74 -0.59 24.64
C ARG A 214 -11.34 0.53 25.48
N TYR A 215 -11.10 1.76 25.08
CA TYR A 215 -11.60 2.94 25.77
C TYR A 215 -12.97 3.37 25.25
N ALA A 216 -13.81 3.86 26.16
CA ALA A 216 -15.17 4.28 25.82
C ALA A 216 -15.24 5.51 24.92
N GLY A 217 -16.32 5.59 24.16
CA GLY A 217 -16.57 6.72 23.27
C GLY A 217 -17.84 7.40 23.73
N TYR A 218 -17.69 8.55 24.37
CA TYR A 218 -18.82 9.30 24.92
C TYR A 218 -19.37 10.40 24.00
N ARG A 219 -20.58 10.18 23.50
CA ARG A 219 -21.25 11.13 22.63
C ARG A 219 -21.52 12.44 23.40
N GLN A 220 -21.08 13.56 22.87
CA GLN A 220 -21.29 14.85 23.53
C GLN A 220 -22.51 15.57 22.96
N GLN A 221 -22.91 16.66 23.60
CA GLN A 221 -24.06 17.43 23.13
C GLN A 221 -23.69 18.29 21.95
N ASP A 222 -22.52 18.90 22.01
CA ASP A 222 -22.09 19.73 20.90
C ASP A 222 -21.89 18.86 19.67
N GLY A 223 -21.88 17.54 19.87
CA GLY A 223 -21.72 16.63 18.75
C GLY A 223 -20.42 15.86 18.72
N SER A 224 -19.39 16.42 19.36
CA SER A 224 -18.08 15.78 19.39
C SER A 224 -18.15 14.48 20.17
N VAL A 225 -17.01 13.83 20.33
CA VAL A 225 -16.94 12.58 21.08
C VAL A 225 -15.79 12.65 22.10
N ARG A 226 -16.07 12.25 23.33
CA ARG A 226 -15.06 12.26 24.36
C ARG A 226 -14.55 10.83 24.52
N GLY A 227 -13.24 10.66 24.34
CA GLY A 227 -12.63 9.34 24.43
C GLY A 227 -12.16 8.85 23.06
N ASP A 228 -12.67 7.69 22.64
CA ASP A 228 -12.30 7.10 21.35
C ASP A 228 -13.55 7.00 20.45
N PRO A 229 -13.65 7.90 19.45
CA PRO A 229 -14.78 7.97 18.51
C PRO A 229 -15.12 6.64 17.86
N ALA A 230 -14.13 5.78 17.73
CA ALA A 230 -14.34 4.48 17.11
C ALA A 230 -15.29 3.59 17.89
N ASN A 231 -15.42 3.84 19.20
CA ASN A 231 -16.26 3.00 20.05
C ASN A 231 -17.55 3.62 20.60
N VAL A 232 -18.12 4.57 19.87
CA VAL A 232 -19.36 5.19 20.33
C VAL A 232 -20.48 4.15 20.43
N GLU A 233 -20.63 3.36 19.37
CA GLU A 233 -21.68 2.34 19.35
C GLU A 233 -21.55 1.30 20.48
N ILE A 234 -20.39 0.66 20.58
CA ILE A 234 -20.17 -0.35 21.60
C ILE A 234 -20.40 0.27 22.97
N THR A 235 -20.01 1.53 23.14
CA THR A 235 -20.18 2.18 24.42
C THR A 235 -21.67 2.33 24.74
N GLU A 236 -22.45 2.73 23.75
CA GLU A 236 -23.86 2.92 23.94
C GLU A 236 -24.62 1.61 24.11
N LEU A 237 -23.98 0.49 23.74
CA LEU A 237 -24.62 -0.81 23.91
C LEU A 237 -24.37 -1.30 25.32
N CYS A 238 -23.21 -0.93 25.87
CA CYS A 238 -22.88 -1.33 27.24
C CYS A 238 -23.82 -0.61 28.18
N ILE A 239 -24.00 0.68 27.91
CA ILE A 239 -24.87 1.53 28.71
C ILE A 239 -26.30 1.00 28.69
N GLN A 240 -26.80 0.71 27.50
CA GLN A 240 -28.16 0.19 27.36
C GLN A 240 -28.32 -1.16 28.04
N HIS A 241 -27.23 -1.92 28.15
CA HIS A 241 -27.30 -3.23 28.78
C HIS A 241 -26.96 -3.14 30.26
N GLY A 242 -27.05 -1.93 30.80
CA GLY A 242 -26.79 -1.75 32.21
C GLY A 242 -25.49 -1.13 32.67
N TRP A 243 -24.60 -0.79 31.75
CA TRP A 243 -23.35 -0.19 32.21
C TRP A 243 -23.57 1.21 32.73
N THR A 244 -22.94 1.52 33.84
CA THR A 244 -23.03 2.85 34.41
C THR A 244 -21.76 3.53 33.88
N PRO A 245 -21.90 4.37 32.85
CA PRO A 245 -20.81 5.10 32.21
C PRO A 245 -19.99 6.04 33.06
N GLY A 246 -18.81 6.36 32.56
CA GLY A 246 -17.92 7.30 33.24
C GLY A 246 -17.92 8.53 32.36
N ASN A 247 -16.90 9.37 32.48
CA ASN A 247 -16.84 10.56 31.64
C ASN A 247 -15.41 10.96 31.34
N GLY A 248 -14.52 9.99 31.32
CA GLY A 248 -13.13 10.28 31.03
C GLY A 248 -12.81 10.08 29.55
N ARG A 249 -11.56 10.31 29.19
CA ARG A 249 -11.13 10.14 27.81
C ARG A 249 -10.51 8.75 27.64
N PHE A 250 -10.20 8.10 28.77
CA PHE A 250 -9.59 6.77 28.76
C PHE A 250 -10.26 5.81 29.73
N ASP A 251 -11.58 5.67 29.62
CA ASP A 251 -12.31 4.75 30.49
C ASP A 251 -12.35 3.39 29.82
N VAL A 252 -11.95 2.36 30.55
CA VAL A 252 -11.94 1.01 30.01
C VAL A 252 -13.37 0.46 29.94
N LEU A 253 -13.76 0.01 28.76
CA LEU A 253 -15.09 -0.52 28.57
C LEU A 253 -15.28 -1.89 29.22
N PRO A 254 -16.51 -2.16 29.70
CA PRO A 254 -16.75 -3.46 30.32
C PRO A 254 -16.95 -4.43 29.14
N LEU A 255 -16.97 -5.72 29.42
CA LEU A 255 -17.15 -6.71 28.36
C LEU A 255 -18.59 -7.12 28.20
N LEU A 256 -19.02 -7.30 26.96
CA LEU A 256 -20.37 -7.76 26.67
C LEU A 256 -20.17 -9.14 26.09
N LEU A 257 -20.37 -10.16 26.92
CA LEU A 257 -20.17 -11.54 26.50
C LEU A 257 -21.51 -12.22 26.22
N GLN A 258 -21.53 -13.11 25.23
CA GLN A 258 -22.77 -13.76 24.85
C GLN A 258 -22.70 -15.29 24.70
N ALA A 259 -23.42 -15.99 25.56
CA ALA A 259 -23.49 -17.44 25.49
C ALA A 259 -24.59 -17.78 24.50
N PRO A 260 -24.58 -19.00 23.95
CA PRO A 260 -25.58 -19.46 22.98
C PRO A 260 -27.05 -19.19 23.31
N ASP A 261 -27.72 -18.46 22.41
CA ASP A 261 -29.13 -18.13 22.54
C ASP A 261 -29.55 -17.37 23.78
N GLU A 262 -28.58 -16.82 24.52
CA GLU A 262 -28.88 -16.04 25.71
C GLU A 262 -28.53 -14.61 25.36
N ALA A 263 -29.16 -13.64 26.03
CA ALA A 263 -28.85 -12.25 25.75
C ALA A 263 -27.45 -12.02 26.31
N PRO A 264 -26.73 -11.03 25.77
CA PRO A 264 -25.39 -10.80 26.30
C PRO A 264 -25.40 -10.30 27.73
N GLU A 265 -24.42 -10.73 28.52
CA GLU A 265 -24.30 -10.30 29.90
C GLU A 265 -23.10 -9.38 29.96
N LEU A 266 -23.17 -8.41 30.85
CA LEU A 266 -22.12 -7.43 31.00
C LEU A 266 -21.14 -7.83 32.08
N PHE A 267 -19.87 -7.50 31.89
CA PHE A 267 -18.83 -7.84 32.88
C PHE A 267 -17.78 -6.73 32.92
N VAL A 268 -17.45 -6.27 34.12
CA VAL A 268 -16.43 -5.23 34.29
C VAL A 268 -15.10 -5.87 34.64
N LEU A 269 -14.06 -5.51 33.89
CA LEU A 269 -12.73 -6.06 34.13
C LEU A 269 -12.11 -5.48 35.39
N PRO A 270 -11.58 -6.35 36.26
CA PRO A 270 -10.95 -5.90 37.51
C PRO A 270 -9.74 -5.03 37.14
N PRO A 271 -9.82 -3.72 37.41
CA PRO A 271 -8.72 -2.79 37.10
C PRO A 271 -7.29 -3.31 37.21
N GLU A 272 -6.98 -4.02 38.30
CA GLU A 272 -5.61 -4.52 38.48
C GLU A 272 -5.17 -5.41 37.32
N LEU A 273 -6.13 -6.03 36.63
CA LEU A 273 -5.81 -6.91 35.51
C LEU A 273 -5.51 -6.17 34.21
N VAL A 274 -5.96 -4.92 34.11
CA VAL A 274 -5.75 -4.11 32.90
C VAL A 274 -4.53 -3.20 33.02
N LEU A 275 -3.37 -3.69 32.56
CA LEU A 275 -2.15 -2.91 32.63
C LEU A 275 -2.18 -1.79 31.59
N GLU A 276 -1.83 -0.58 32.02
CA GLU A 276 -1.80 0.59 31.16
C GLU A 276 -0.49 1.33 31.32
N VAL A 277 -0.15 2.15 30.33
CA VAL A 277 1.09 2.90 30.33
C VAL A 277 0.87 4.40 30.14
N PRO A 278 1.14 5.20 31.19
CA PRO A 278 0.94 6.64 30.97
C PRO A 278 2.01 7.02 29.97
N LEU A 279 1.72 7.95 29.07
CA LEU A 279 2.71 8.34 28.09
C LEU A 279 3.49 9.61 28.41
N GLU A 280 4.78 9.57 28.16
CA GLU A 280 5.66 10.69 28.39
C GLU A 280 6.75 10.70 27.31
N HIS A 281 7.37 11.85 27.11
CA HIS A 281 8.40 12.00 26.11
C HIS A 281 9.79 12.08 26.75
N PRO A 282 10.82 11.49 26.12
CA PRO A 282 12.18 11.50 26.64
C PRO A 282 12.83 12.87 26.85
N THR A 283 12.50 13.83 25.99
CA THR A 283 13.08 15.17 26.10
C THR A 283 12.08 16.32 26.22
N LEU A 284 10.87 16.11 25.71
CA LEU A 284 9.84 17.14 25.80
C LEU A 284 9.07 16.92 27.11
N GLU A 285 9.52 17.63 28.15
CA GLU A 285 8.93 17.51 29.48
C GLU A 285 7.43 17.71 29.62
N TRP A 286 6.87 18.63 28.82
CA TRP A 286 5.44 18.90 28.87
C TRP A 286 4.56 17.78 28.35
N PHE A 287 5.13 16.88 27.55
CA PHE A 287 4.34 15.80 26.97
C PHE A 287 3.53 15.03 28.01
N ALA A 288 4.17 14.66 29.11
CA ALA A 288 3.52 13.92 30.18
C ALA A 288 2.27 14.62 30.68
N ALA A 289 2.32 15.94 30.74
CA ALA A 289 1.19 16.73 31.19
C ALA A 289 -0.06 16.61 30.31
N LEU A 290 0.08 15.98 29.14
CA LEU A 290 -1.04 15.82 28.23
C LEU A 290 -1.98 14.76 28.77
N GLY A 291 -1.50 14.01 29.75
CA GLY A 291 -2.30 12.97 30.38
C GLY A 291 -2.72 11.87 29.43
N LEU A 292 -1.90 11.59 28.43
CA LEU A 292 -2.18 10.52 27.48
C LEU A 292 -1.65 9.20 28.02
N ARG A 293 -2.32 8.11 27.66
CA ARG A 293 -1.95 6.78 28.11
C ARG A 293 -2.50 5.75 27.14
N TRP A 294 -2.08 4.50 27.30
CA TRP A 294 -2.61 3.43 26.47
C TRP A 294 -2.43 2.10 27.20
N TYR A 295 -3.26 1.12 26.85
CA TYR A 295 -3.21 -0.20 27.46
C TYR A 295 -2.16 -1.08 26.79
N ALA A 296 -1.59 -2.00 27.53
CA ALA A 296 -0.53 -2.86 27.02
C ALA A 296 -0.94 -4.06 26.17
N LEU A 297 -2.10 -4.62 26.41
CA LEU A 297 -2.52 -5.81 25.68
C LEU A 297 -3.48 -5.61 24.51
N PRO A 298 -3.00 -5.87 23.29
CA PRO A 298 -3.84 -5.71 22.11
C PRO A 298 -4.50 -7.07 21.88
N ALA A 299 -5.80 -7.16 22.12
CA ALA A 299 -6.49 -8.44 21.97
C ALA A 299 -7.74 -8.42 21.10
N VAL A 300 -7.57 -8.72 19.83
CA VAL A 300 -8.68 -8.74 18.90
C VAL A 300 -9.66 -9.80 19.40
N SER A 301 -10.90 -9.40 19.61
CA SER A 301 -11.90 -10.33 20.12
C SER A 301 -13.13 -10.53 19.26
N ASN A 302 -13.19 -9.91 18.08
CA ASN A 302 -14.38 -10.06 17.26
C ASN A 302 -14.18 -10.82 15.97
N MET A 303 -13.03 -11.47 15.81
CA MET A 303 -12.78 -12.22 14.60
C MET A 303 -13.19 -13.69 14.70
N LEU A 304 -13.55 -14.27 13.58
CA LEU A 304 -13.95 -15.67 13.54
C LEU A 304 -12.73 -16.48 13.14
N LEU A 305 -12.47 -17.57 13.88
CA LEU A 305 -11.35 -18.45 13.59
C LEU A 305 -11.90 -19.68 12.87
N GLU A 306 -11.48 -19.88 11.62
CA GLU A 306 -11.96 -21.04 10.86
C GLU A 306 -10.87 -22.07 10.65
N ILE A 307 -11.21 -23.31 11.00
CA ILE A 307 -10.29 -24.43 10.88
C ILE A 307 -11.02 -25.67 10.34
N GLY A 308 -10.59 -26.13 9.17
CA GLY A 308 -11.18 -27.30 8.56
C GLY A 308 -12.70 -27.25 8.42
N GLY A 309 -13.23 -26.07 8.12
CA GLY A 309 -14.67 -25.95 7.97
C GLY A 309 -15.39 -25.59 9.27
N LEU A 310 -14.75 -25.82 10.41
CA LEU A 310 -15.39 -25.47 11.67
C LEU A 310 -15.23 -23.97 11.91
N GLU A 311 -16.22 -23.37 12.55
CA GLU A 311 -16.19 -21.94 12.83
C GLU A 311 -16.21 -21.61 14.31
N PHE A 312 -15.14 -20.96 14.77
CA PHE A 312 -15.03 -20.54 16.15
C PHE A 312 -15.31 -19.04 16.22
N SER A 313 -16.59 -18.70 16.43
CA SER A 313 -17.05 -17.31 16.52
C SER A 313 -16.49 -16.50 17.69
N ALA A 314 -16.00 -17.16 18.72
CA ALA A 314 -15.41 -16.46 19.84
C ALA A 314 -14.06 -17.14 20.08
N ALA A 315 -12.99 -16.39 19.86
CA ALA A 315 -11.66 -16.92 20.03
C ALA A 315 -10.68 -15.77 20.04
N PRO A 316 -10.75 -14.92 21.07
CA PRO A 316 -9.87 -13.76 21.19
C PRO A 316 -8.40 -14.16 21.24
N PHE A 317 -7.57 -13.39 20.55
CA PHE A 317 -6.15 -13.65 20.52
C PHE A 317 -5.40 -12.35 20.83
N SER A 318 -4.15 -12.48 21.25
CA SER A 318 -3.36 -11.31 21.56
C SER A 318 -1.87 -11.62 21.49
N GLY A 319 -1.09 -10.56 21.24
CA GLY A 319 0.35 -10.66 21.17
C GLY A 319 0.85 -9.42 21.87
N TRP A 320 1.50 -8.53 21.14
CA TRP A 320 1.95 -7.27 21.73
C TRP A 320 1.93 -6.20 20.64
N TYR A 321 1.93 -4.94 21.06
CA TYR A 321 1.84 -3.81 20.13
C TYR A 321 3.07 -3.46 19.30
N MET A 322 2.82 -3.03 18.07
CA MET A 322 3.91 -2.52 17.27
C MET A 322 3.63 -1.04 17.59
N SER A 323 4.65 -0.28 17.97
CA SER A 323 4.48 1.11 18.37
C SER A 323 3.63 2.03 17.49
N THR A 324 3.71 1.88 16.18
CA THR A 324 2.95 2.74 15.28
C THR A 324 1.43 2.58 15.40
N GLU A 325 0.95 1.41 15.83
CA GLU A 325 -0.48 1.21 15.96
C GLU A 325 -1.04 2.17 17.02
N ILE A 326 -0.26 2.40 18.08
CA ILE A 326 -0.66 3.31 19.16
C ILE A 326 -0.35 4.76 18.83
N GLY A 327 0.93 5.03 18.59
CA GLY A 327 1.38 6.38 18.31
C GLY A 327 0.90 7.03 17.03
N THR A 328 0.71 6.24 15.97
CA THR A 328 0.26 6.82 14.72
C THR A 328 -1.24 6.65 14.47
N ARG A 329 -1.73 5.42 14.46
CA ARG A 329 -3.15 5.18 14.18
C ARG A 329 -4.14 5.59 15.28
N ASN A 330 -4.05 4.95 16.45
CA ASN A 330 -4.96 5.25 17.55
C ASN A 330 -4.89 6.68 18.04
N LEU A 331 -3.68 7.20 18.19
CA LEU A 331 -3.52 8.56 18.67
C LEU A 331 -3.56 9.65 17.60
N CYS A 332 -3.28 9.31 16.35
CA CYS A 332 -3.25 10.35 15.32
C CYS A 332 -4.27 10.29 14.19
N ASP A 333 -4.97 9.17 14.04
CA ASP A 333 -5.97 9.12 12.96
C ASP A 333 -6.95 10.27 13.19
N PRO A 334 -7.41 10.93 12.11
CA PRO A 334 -8.35 12.03 12.34
C PRO A 334 -9.67 11.56 12.98
N HIS A 335 -10.07 10.31 12.71
CA HIS A 335 -11.31 9.78 13.29
C HIS A 335 -11.13 9.05 14.62
N ARG A 336 -9.96 9.19 15.23
CA ARG A 336 -9.70 8.57 16.51
C ARG A 336 -9.37 9.70 17.47
N TYR A 337 -8.35 9.55 18.31
CA TYR A 337 -8.01 10.60 19.25
C TYR A 337 -7.58 11.91 18.59
N ASN A 338 -7.19 11.83 17.33
CA ASN A 338 -6.81 13.00 16.55
C ASN A 338 -6.01 14.03 17.37
N ILE A 339 -4.91 13.61 18.00
CA ILE A 339 -4.12 14.51 18.84
C ILE A 339 -2.96 15.24 18.13
N LEU A 340 -2.86 15.08 16.82
CA LEU A 340 -1.78 15.69 16.05
C LEU A 340 -1.63 17.21 16.22
N GLU A 341 -2.72 17.96 16.04
CA GLU A 341 -2.66 19.40 16.18
C GLU A 341 -2.26 19.88 17.58
N ASP A 342 -2.85 19.28 18.62
CA ASP A 342 -2.52 19.71 19.97
C ASP A 342 -1.02 19.59 20.22
N VAL A 343 -0.47 18.41 19.93
CA VAL A 343 0.95 18.17 20.13
C VAL A 343 1.78 19.15 19.34
N ALA A 344 1.36 19.42 18.10
CA ALA A 344 2.09 20.34 17.23
C ALA A 344 2.10 21.74 17.85
N VAL A 345 0.95 22.19 18.34
CA VAL A 345 0.86 23.49 18.98
C VAL A 345 1.84 23.52 20.15
N CYS A 346 1.82 22.48 20.98
CA CYS A 346 2.73 22.41 22.11
C CYS A 346 4.19 22.44 21.65
N MET A 347 4.45 21.92 20.45
CA MET A 347 5.81 21.92 19.92
C MET A 347 6.15 23.26 19.28
N ASP A 348 5.15 24.13 19.21
CA ASP A 348 5.30 25.47 18.64
C ASP A 348 5.58 25.43 17.14
N LEU A 349 4.87 24.56 16.44
CA LEU A 349 5.03 24.39 15.00
C LEU A 349 3.96 25.18 14.26
N ASP A 350 4.23 25.49 12.99
CA ASP A 350 3.30 26.23 12.16
C ASP A 350 2.21 25.29 11.62
N THR A 351 1.09 25.20 12.32
CA THR A 351 -0.01 24.34 11.87
C THR A 351 -0.87 25.02 10.81
N ARG A 352 -0.40 26.17 10.32
CA ARG A 352 -1.13 26.94 9.31
C ARG A 352 -0.72 26.61 7.89
N THR A 353 0.38 25.88 7.73
CA THR A 353 0.83 25.52 6.40
C THR A 353 1.35 24.10 6.34
N THR A 354 0.97 23.39 5.29
CA THR A 354 1.37 22.01 5.11
C THR A 354 2.87 21.85 4.95
N SER A 355 3.51 22.77 4.22
CA SER A 355 4.93 22.68 3.96
C SER A 355 5.86 22.73 5.17
N SER A 356 5.32 23.02 6.35
CA SER A 356 6.15 23.06 7.55
C SER A 356 6.31 21.63 8.07
N LEU A 357 5.53 20.71 7.52
CA LEU A 357 5.57 19.30 7.92
C LEU A 357 5.30 19.13 9.41
N TRP A 358 4.45 20.00 9.96
CA TRP A 358 4.14 19.91 11.38
C TRP A 358 3.47 18.59 11.76
N LYS A 359 2.76 17.97 10.80
CA LYS A 359 2.11 16.70 11.08
C LYS A 359 3.17 15.62 11.20
N ASP A 360 4.14 15.65 10.28
CA ASP A 360 5.21 14.68 10.29
C ASP A 360 6.03 14.81 11.57
N LYS A 361 6.36 16.04 11.95
CA LYS A 361 7.14 16.26 13.17
C LYS A 361 6.44 15.76 14.44
N ALA A 362 5.19 16.17 14.61
CA ALA A 362 4.44 15.75 15.79
C ALA A 362 4.29 14.21 15.84
N ALA A 363 3.95 13.61 14.70
CA ALA A 363 3.78 12.16 14.66
C ALA A 363 5.03 11.41 15.10
N VAL A 364 6.19 11.83 14.60
CA VAL A 364 7.45 11.17 14.98
C VAL A 364 7.61 11.24 16.49
N GLU A 365 7.41 12.42 17.06
CA GLU A 365 7.55 12.63 18.49
C GLU A 365 6.56 11.83 19.31
N ILE A 366 5.32 11.73 18.84
CA ILE A 366 4.31 10.96 19.55
C ILE A 366 4.70 9.48 19.53
N ASN A 367 5.20 9.03 18.39
CA ASN A 367 5.62 7.64 18.23
C ASN A 367 6.82 7.37 19.14
N LEU A 368 7.75 8.32 19.24
CA LEU A 368 8.91 8.11 20.10
C LEU A 368 8.43 8.02 21.55
N ALA A 369 7.42 8.83 21.87
CA ALA A 369 6.86 8.87 23.22
C ALA A 369 6.31 7.50 23.59
N VAL A 370 5.61 6.87 22.66
CA VAL A 370 5.04 5.55 22.92
C VAL A 370 6.15 4.53 23.23
N LEU A 371 7.18 4.52 22.39
CA LEU A 371 8.31 3.59 22.57
C LEU A 371 9.02 3.83 23.90
N HIS A 372 9.20 5.11 24.23
CA HIS A 372 9.88 5.47 25.47
C HIS A 372 9.11 5.10 26.72
N SER A 373 7.81 5.41 26.72
CA SER A 373 6.98 5.13 27.88
C SER A 373 6.81 3.65 28.17
N PHE A 374 6.72 2.84 27.11
CA PHE A 374 6.55 1.40 27.27
C PHE A 374 7.82 0.75 27.80
N GLN A 375 8.97 1.18 27.27
CA GLN A 375 10.24 0.66 27.71
C GLN A 375 10.43 1.00 29.17
N LEU A 376 10.26 2.28 29.50
CA LEU A 376 10.41 2.74 30.88
C LEU A 376 9.55 1.88 31.80
N ALA A 377 8.36 1.53 31.33
CA ALA A 377 7.44 0.71 32.13
C ALA A 377 7.72 -0.79 32.06
N LYS A 378 8.72 -1.17 31.27
CA LYS A 378 9.08 -2.58 31.12
C LYS A 378 7.98 -3.42 30.44
N VAL A 379 7.17 -2.77 29.61
CA VAL A 379 6.08 -3.47 28.92
C VAL A 379 6.50 -3.73 27.48
N THR A 380 6.42 -4.98 27.07
CA THR A 380 6.79 -5.39 25.72
C THR A 380 6.21 -4.49 24.65
N ILE A 381 7.04 -4.16 23.66
CA ILE A 381 6.64 -3.33 22.53
C ILE A 381 7.71 -3.42 21.43
N VAL A 382 7.32 -3.21 20.18
CA VAL A 382 8.26 -3.26 19.08
C VAL A 382 8.05 -2.11 18.09
N ASP A 383 9.12 -1.41 17.74
CA ASP A 383 9.02 -0.31 16.79
C ASP A 383 8.89 -0.87 15.38
N HIS A 384 8.39 -0.05 14.47
CA HIS A 384 8.16 -0.47 13.09
C HIS A 384 9.42 -0.88 12.33
N HIS A 385 10.58 -0.42 12.78
CA HIS A 385 11.84 -0.78 12.12
C HIS A 385 12.22 -2.21 12.46
N ALA A 386 12.27 -2.52 13.74
CA ALA A 386 12.61 -3.86 14.18
C ALA A 386 11.57 -4.86 13.66
N ALA A 387 10.30 -4.50 13.78
CA ALA A 387 9.23 -5.39 13.34
C ALA A 387 9.35 -5.75 11.87
N THR A 388 9.45 -4.73 11.01
CA THR A 388 9.55 -4.97 9.57
C THR A 388 10.79 -5.80 9.25
N VAL A 389 11.89 -5.53 9.93
CA VAL A 389 13.09 -6.32 9.69
C VAL A 389 12.83 -7.78 10.03
N SER A 390 12.20 -8.04 11.17
CA SER A 390 11.93 -9.43 11.55
C SER A 390 10.99 -10.09 10.52
N PHE A 391 10.10 -9.29 9.95
CA PHE A 391 9.18 -9.84 8.96
C PHE A 391 9.92 -10.27 7.71
N MET A 392 10.94 -9.52 7.31
CA MET A 392 11.73 -9.88 6.13
C MET A 392 12.34 -11.24 6.39
N LYS A 393 12.84 -11.44 7.59
CA LYS A 393 13.45 -12.70 8.01
C LYS A 393 12.38 -13.78 7.92
N HIS A 394 11.20 -13.45 8.43
CA HIS A 394 10.08 -14.38 8.40
C HIS A 394 9.76 -14.75 6.95
N LEU A 395 9.77 -13.78 6.04
CA LEU A 395 9.49 -14.07 4.64
C LEU A 395 10.49 -15.09 4.10
N ASP A 396 11.76 -14.94 4.49
CA ASP A 396 12.83 -15.85 4.06
C ASP A 396 12.55 -17.27 4.57
N ASN A 397 12.15 -17.40 5.83
CA ASN A 397 11.87 -18.70 6.41
C ASN A 397 10.72 -19.40 5.67
N GLU A 398 9.66 -18.65 5.38
CA GLU A 398 8.51 -19.21 4.69
C GLU A 398 8.81 -19.52 3.24
N GLN A 399 9.68 -18.74 2.62
CA GLN A 399 10.01 -19.02 1.23
C GLN A 399 10.56 -20.44 1.19
N LYS A 400 11.47 -20.75 2.11
CA LYS A 400 12.04 -22.10 2.13
C LYS A 400 11.06 -23.12 2.71
N ALA A 401 10.30 -22.74 3.73
CA ALA A 401 9.36 -23.66 4.36
C ALA A 401 8.07 -23.98 3.60
N ARG A 402 7.54 -23.02 2.85
CA ARG A 402 6.29 -23.23 2.12
C ARG A 402 6.28 -22.74 0.67
N GLY A 403 7.37 -22.12 0.23
CA GLY A 403 7.44 -21.64 -1.12
C GLY A 403 6.72 -20.31 -1.30
N GLY A 404 6.57 -19.57 -0.20
CA GLY A 404 5.91 -18.28 -0.28
C GLY A 404 5.25 -17.87 1.02
N CYS A 405 4.70 -16.67 1.04
CA CYS A 405 4.03 -16.17 2.23
C CYS A 405 2.99 -15.13 1.83
N PRO A 406 1.71 -15.40 2.11
CA PRO A 406 0.67 -14.43 1.75
C PRO A 406 0.81 -13.16 2.59
N ALA A 407 0.91 -12.01 1.92
CA ALA A 407 1.08 -10.74 2.62
C ALA A 407 0.35 -9.59 1.94
N ASP A 408 -0.26 -8.74 2.75
CA ASP A 408 -1.00 -7.59 2.26
C ASP A 408 -0.07 -6.39 2.45
N TRP A 409 0.55 -5.98 1.35
CA TRP A 409 1.51 -4.88 1.37
C TRP A 409 1.03 -3.62 2.10
N ALA A 410 -0.17 -3.15 1.74
CA ALA A 410 -0.74 -1.96 2.35
C ALA A 410 -0.89 -2.08 3.87
N TRP A 411 -0.81 -3.29 4.39
CA TRP A 411 -0.93 -3.51 5.84
C TRP A 411 0.39 -3.92 6.49
N ILE A 412 1.32 -4.42 5.70
CA ILE A 412 2.62 -4.79 6.24
C ILE A 412 3.46 -3.52 6.43
N VAL A 413 3.43 -2.63 5.43
CA VAL A 413 4.18 -1.37 5.51
C VAL A 413 3.58 -0.52 6.62
N PRO A 414 4.41 0.06 7.50
CA PRO A 414 3.92 0.90 8.60
C PRO A 414 3.23 2.19 8.14
N PRO A 415 2.33 2.72 8.98
CA PRO A 415 1.59 3.95 8.67
C PRO A 415 2.44 5.24 8.63
N ILE A 416 3.71 5.12 9.02
CA ILE A 416 4.65 6.26 8.96
C ILE A 416 5.98 5.68 8.53
N SER A 417 6.83 6.52 7.93
CA SER A 417 8.15 6.12 7.46
C SER A 417 8.14 4.92 6.52
N GLY A 418 7.07 4.77 5.76
CA GLY A 418 6.94 3.66 4.82
C GLY A 418 8.19 3.15 4.11
N SER A 419 8.74 3.93 3.19
CA SER A 419 9.92 3.51 2.44
C SER A 419 11.22 3.50 3.25
N LEU A 420 11.15 3.82 4.54
CA LEU A 420 12.35 3.80 5.36
C LEU A 420 12.50 2.38 5.93
N THR A 421 11.48 1.55 5.76
CA THR A 421 11.56 0.17 6.27
C THR A 421 11.83 -0.77 5.08
N PRO A 422 12.43 -1.93 5.35
CA PRO A 422 12.72 -2.90 4.28
C PRO A 422 11.54 -3.52 3.52
N VAL A 423 10.38 -3.65 4.19
CA VAL A 423 9.22 -4.26 3.51
C VAL A 423 8.63 -3.43 2.39
N PHE A 424 8.81 -2.11 2.45
CA PHE A 424 8.28 -1.25 1.40
C PHE A 424 8.80 -1.67 0.03
N HIS A 425 10.07 -2.04 -0.02
CA HIS A 425 10.72 -2.43 -1.27
C HIS A 425 10.58 -3.90 -1.66
N GLN A 426 9.73 -4.61 -0.92
CA GLN A 426 9.49 -6.02 -1.18
C GLN A 426 8.09 -6.26 -1.76
N GLU A 427 8.05 -6.74 -2.99
CA GLU A 427 6.75 -7.02 -3.60
C GLU A 427 6.15 -8.17 -2.80
N MET A 428 4.84 -8.28 -2.81
CA MET A 428 4.17 -9.31 -2.06
C MET A 428 2.97 -9.86 -2.82
N VAL A 429 2.64 -11.11 -2.54
CA VAL A 429 1.52 -11.77 -3.19
C VAL A 429 0.47 -11.97 -2.10
N ASN A 430 -0.77 -11.62 -2.40
CA ASN A 430 -1.83 -11.75 -1.43
C ASN A 430 -2.86 -12.79 -1.83
N TYR A 431 -3.14 -13.70 -0.89
CA TYR A 431 -4.11 -14.76 -1.13
C TYR A 431 -4.58 -15.33 0.19
N ILE A 432 -5.72 -16.02 0.15
CA ILE A 432 -6.26 -16.58 1.38
C ILE A 432 -5.95 -18.06 1.55
N LEU A 433 -5.44 -18.41 2.73
CA LEU A 433 -5.13 -19.79 3.07
C LEU A 433 -5.83 -20.08 4.40
N SER A 434 -6.35 -21.29 4.54
CA SER A 434 -7.02 -21.67 5.78
C SER A 434 -6.26 -22.83 6.40
N PRO A 435 -6.28 -22.94 7.74
CA PRO A 435 -6.94 -22.09 8.74
C PRO A 435 -6.79 -20.58 8.54
N ALA A 436 -7.75 -19.83 9.08
CA ALA A 436 -7.70 -18.39 8.93
C ALA A 436 -8.58 -17.66 9.90
N PHE A 437 -8.25 -16.39 10.05
CA PHE A 437 -9.02 -15.48 10.86
C PHE A 437 -9.82 -14.68 9.83
N ARG A 438 -11.12 -14.58 10.04
CA ARG A 438 -11.97 -13.85 9.12
C ARG A 438 -12.79 -12.85 9.90
N TYR A 439 -13.25 -11.81 9.20
CA TYR A 439 -14.09 -10.82 9.81
C TYR A 439 -15.48 -11.46 9.85
N GLN A 440 -16.32 -11.03 10.78
CA GLN A 440 -17.66 -11.58 10.90
C GLN A 440 -18.65 -10.47 11.23
N PRO A 441 -19.92 -10.63 10.83
CA PRO A 441 -20.93 -9.62 11.10
C PRO A 441 -21.10 -9.41 12.59
N ASP A 442 -21.40 -8.18 13.00
CA ASP A 442 -21.60 -7.90 14.42
C ASP A 442 -22.81 -8.72 14.88
N PRO A 443 -22.75 -9.29 16.09
CA PRO A 443 -23.84 -10.10 16.65
C PRO A 443 -25.19 -9.42 16.79
N TRP A 444 -25.21 -8.08 16.86
CA TRP A 444 -26.45 -7.34 17.00
C TRP A 444 -27.01 -6.89 15.68
N LYS B 31 -21.36 -6.61 -9.16
CA LYS B 31 -20.29 -6.29 -10.16
C LYS B 31 -19.67 -4.91 -9.90
N PHE B 32 -20.48 -3.98 -9.42
CA PHE B 32 -19.96 -2.64 -9.14
C PHE B 32 -19.43 -2.54 -7.72
N PRO B 33 -18.13 -2.22 -7.58
CA PRO B 33 -17.42 -2.08 -6.30
C PRO B 33 -17.87 -0.95 -5.41
N ARG B 34 -18.20 -1.29 -4.15
CA ARG B 34 -18.61 -0.32 -3.15
C ARG B 34 -17.29 0.17 -2.57
N VAL B 35 -17.04 1.47 -2.63
CA VAL B 35 -15.80 2.05 -2.16
C VAL B 35 -16.03 2.95 -0.94
N LYS B 36 -15.35 2.65 0.16
CA LYS B 36 -15.52 3.43 1.37
C LYS B 36 -14.31 4.24 1.82
N ASN B 37 -14.58 5.37 2.47
CA ASN B 37 -13.54 6.22 3.04
C ASN B 37 -13.76 6.06 4.55
N TRP B 38 -12.78 5.49 5.26
CA TRP B 38 -12.94 5.26 6.69
C TRP B 38 -12.74 6.45 7.60
N GLU B 39 -12.36 7.59 7.05
CA GLU B 39 -12.19 8.80 7.87
C GLU B 39 -13.51 9.57 7.96
N LEU B 40 -14.28 9.53 6.87
CA LEU B 40 -15.54 10.27 6.82
C LEU B 40 -16.79 9.41 6.72
N GLY B 41 -16.62 8.10 6.66
CA GLY B 41 -17.77 7.22 6.58
C GLY B 41 -18.49 7.23 5.26
N SER B 42 -18.08 8.13 4.37
CA SER B 42 -18.69 8.26 3.06
C SER B 42 -18.51 7.00 2.20
N ILE B 43 -19.45 6.80 1.30
CA ILE B 43 -19.43 5.64 0.42
C ILE B 43 -19.75 6.00 -1.03
N THR B 44 -19.09 5.33 -1.97
CA THR B 44 -19.33 5.56 -3.39
C THR B 44 -19.26 4.23 -4.13
N TYR B 45 -19.71 4.22 -5.38
CA TYR B 45 -19.65 3.04 -6.21
C TYR B 45 -18.88 3.39 -7.45
N ASP B 46 -17.93 2.54 -7.81
CA ASP B 46 -17.13 2.77 -8.99
C ASP B 46 -17.74 1.97 -10.15
N THR B 47 -18.37 2.68 -11.07
CA THR B 47 -18.97 2.05 -12.23
C THR B 47 -18.06 2.25 -13.45
N LEU B 48 -17.15 3.21 -13.34
CA LEU B 48 -16.22 3.48 -14.42
C LEU B 48 -15.38 2.25 -14.74
N CYS B 49 -15.02 1.46 -13.72
CA CYS B 49 -14.21 0.27 -13.97
C CYS B 49 -14.84 -0.66 -15.00
N ALA B 50 -16.13 -0.49 -15.25
CA ALA B 50 -16.81 -1.33 -16.24
C ALA B 50 -16.30 -1.02 -17.63
N GLN B 51 -15.76 0.18 -17.83
CA GLN B 51 -15.25 0.56 -19.14
C GLN B 51 -13.91 -0.09 -19.43
N SER B 52 -13.29 -0.68 -18.41
CA SER B 52 -11.99 -1.32 -18.60
C SER B 52 -12.09 -2.51 -19.54
N GLN B 53 -11.21 -2.54 -20.55
CA GLN B 53 -11.19 -3.62 -21.51
C GLN B 53 -9.83 -4.32 -21.54
N GLN B 54 -8.95 -3.92 -20.63
CA GLN B 54 -7.60 -4.49 -20.57
C GLN B 54 -7.38 -5.13 -19.19
N ASP B 55 -6.90 -6.36 -19.18
CA ASP B 55 -6.65 -7.12 -17.95
C ASP B 55 -5.40 -6.72 -17.16
N GLY B 56 -5.51 -6.85 -15.84
CA GLY B 56 -4.42 -6.56 -14.93
C GLY B 56 -3.77 -7.86 -14.49
N PRO B 57 -2.89 -7.85 -13.49
CA PRO B 57 -2.24 -9.10 -13.06
C PRO B 57 -2.99 -9.92 -12.00
N CYS B 58 -4.02 -9.33 -11.41
CA CYS B 58 -4.77 -10.03 -10.38
C CYS B 58 -5.80 -11.01 -10.90
N THR B 59 -6.06 -12.04 -10.09
CA THR B 59 -7.07 -13.07 -10.39
C THR B 59 -7.77 -13.28 -9.06
N PRO B 60 -8.87 -14.04 -9.04
CA PRO B 60 -9.55 -14.26 -7.77
C PRO B 60 -8.72 -15.07 -6.76
N ARG B 61 -7.78 -15.88 -7.27
CA ARG B 61 -6.94 -16.71 -6.42
C ARG B 61 -5.86 -15.93 -5.67
N ARG B 62 -5.33 -14.88 -6.29
CA ARG B 62 -4.31 -14.07 -5.62
C ARG B 62 -4.21 -12.69 -6.23
N CYS B 63 -3.89 -11.72 -5.39
CA CYS B 63 -3.76 -10.33 -5.79
C CYS B 63 -2.28 -10.03 -6.01
N LEU B 64 -1.95 -9.38 -7.12
CA LEU B 64 -0.57 -9.03 -7.40
C LEU B 64 -0.42 -7.51 -7.55
N GLY B 65 -1.38 -6.78 -6.99
CA GLY B 65 -1.33 -5.34 -7.10
C GLY B 65 -0.10 -4.68 -6.49
N SER B 66 0.68 -5.41 -5.71
CA SER B 66 1.85 -4.80 -5.10
C SER B 66 3.05 -4.88 -6.02
N LEU B 67 2.94 -5.62 -7.12
CA LEU B 67 4.06 -5.72 -8.05
C LEU B 67 4.22 -4.43 -8.87
N VAL B 68 5.47 -4.03 -9.08
CA VAL B 68 5.79 -2.81 -9.81
C VAL B 68 5.60 -2.94 -11.33
N LEU B 69 5.94 -4.11 -11.87
CA LEU B 69 5.83 -4.36 -13.30
C LEU B 69 5.13 -5.68 -13.59
N PRO B 70 4.60 -5.83 -14.81
CA PRO B 70 3.92 -7.07 -15.21
C PRO B 70 4.89 -8.03 -15.89
N ARG B 71 4.58 -9.33 -15.88
CA ARG B 71 5.44 -10.32 -16.54
C ARG B 71 5.29 -10.11 -18.05
N LYS B 72 4.08 -9.76 -18.48
CA LYS B 72 3.80 -9.56 -19.90
C LYS B 72 2.45 -8.88 -20.24
N LEU B 73 2.10 -7.84 -19.47
CA LEU B 73 0.92 -7.02 -19.78
C LEU B 73 1.63 -5.93 -20.58
N GLN B 74 2.90 -5.80 -20.20
CA GLN B 74 3.88 -4.89 -20.78
C GLN B 74 3.79 -4.90 -22.32
N THR B 75 3.81 -3.70 -22.92
CA THR B 75 3.73 -3.57 -24.37
C THR B 75 4.85 -4.31 -25.11
N ARG B 76 4.59 -5.57 -25.43
CA ARG B 76 5.53 -6.45 -26.12
C ARG B 76 5.81 -6.00 -27.55
N PRO B 77 7.07 -5.65 -27.86
CA PRO B 77 7.52 -5.19 -29.18
C PRO B 77 6.77 -5.81 -30.36
N SER B 78 5.91 -5.01 -31.00
CA SER B 78 5.10 -5.45 -32.14
C SER B 78 5.80 -6.48 -33.03
N PRO B 79 5.53 -7.77 -32.80
CA PRO B 79 6.11 -8.87 -33.57
C PRO B 79 5.65 -8.79 -35.03
N GLY B 80 4.68 -7.91 -35.25
CA GLY B 80 4.12 -7.71 -36.57
C GLY B 80 2.85 -6.89 -36.42
N PRO B 81 2.16 -6.57 -37.53
CA PRO B 81 0.93 -5.78 -37.43
C PRO B 81 -0.08 -6.40 -36.46
N PRO B 82 -0.80 -5.57 -35.70
CA PRO B 82 -1.78 -6.10 -34.75
C PRO B 82 -3.07 -6.42 -35.53
N PRO B 83 -3.82 -7.46 -35.11
CA PRO B 83 -5.05 -7.82 -35.82
C PRO B 83 -5.89 -6.60 -36.20
N ALA B 84 -6.17 -6.46 -37.49
CA ALA B 84 -6.94 -5.34 -38.02
C ALA B 84 -8.21 -5.09 -37.20
N GLU B 85 -8.89 -6.16 -36.84
CA GLU B 85 -10.11 -6.07 -36.06
C GLU B 85 -9.81 -5.43 -34.71
N GLN B 86 -8.83 -5.99 -34.01
CA GLN B 86 -8.46 -5.49 -32.70
C GLN B 86 -8.14 -3.98 -32.73
N LEU B 87 -7.23 -3.59 -33.62
CA LEU B 87 -6.85 -2.19 -33.72
C LEU B 87 -8.04 -1.32 -34.07
N LEU B 88 -8.75 -1.72 -35.12
CA LEU B 88 -9.91 -0.95 -35.57
C LEU B 88 -10.91 -0.78 -34.41
N SER B 89 -11.00 -1.80 -33.55
CA SER B 89 -11.90 -1.74 -32.40
C SER B 89 -11.46 -0.70 -31.39
N GLN B 90 -10.16 -0.66 -31.11
CA GLN B 90 -9.60 0.30 -30.17
C GLN B 90 -9.64 1.73 -30.76
N ALA B 91 -9.47 1.82 -32.08
CA ALA B 91 -9.49 3.12 -32.74
C ALA B 91 -10.89 3.74 -32.71
N ARG B 92 -11.91 2.92 -32.93
CA ARG B 92 -13.28 3.42 -32.92
C ARG B 92 -13.67 3.92 -31.54
N ASP B 93 -13.30 3.19 -30.50
CA ASP B 93 -13.62 3.62 -29.14
C ASP B 93 -12.96 4.97 -28.83
N PHE B 94 -11.70 5.11 -29.24
CA PHE B 94 -11.01 6.36 -28.98
C PHE B 94 -11.71 7.49 -29.69
N ILE B 95 -11.88 7.34 -31.00
CA ILE B 95 -12.55 8.36 -31.77
C ILE B 95 -13.87 8.71 -31.09
N ASN B 96 -14.59 7.68 -30.65
CA ASN B 96 -15.87 7.92 -29.99
C ASN B 96 -15.62 8.78 -28.78
N GLN B 97 -14.62 8.40 -27.99
CA GLN B 97 -14.29 9.16 -26.81
C GLN B 97 -14.01 10.61 -27.19
N TYR B 98 -13.34 10.80 -28.36
CA TYR B 98 -12.94 12.15 -28.72
C TYR B 98 -14.13 13.04 -29.03
N TYR B 99 -15.07 12.52 -29.83
CA TYR B 99 -16.20 13.33 -30.25
C TYR B 99 -17.16 13.59 -29.11
N SER B 100 -17.22 12.68 -28.16
CA SER B 100 -17.98 12.92 -26.94
C SER B 100 -17.39 14.09 -26.18
N SER B 101 -16.06 14.16 -26.18
CA SER B 101 -15.34 15.22 -25.49
C SER B 101 -15.75 16.59 -26.01
N ILE B 102 -15.81 16.74 -27.33
CA ILE B 102 -16.13 18.02 -27.94
C ILE B 102 -17.64 18.16 -28.19
N LYS B 103 -18.43 17.26 -27.62
CA LYS B 103 -19.87 17.46 -27.62
C LYS B 103 -20.50 17.25 -29.02
N ARG B 104 -19.68 16.96 -30.03
CA ARG B 104 -20.22 16.70 -31.37
C ARG B 104 -20.33 15.21 -31.66
N SER B 105 -20.66 14.43 -30.64
CA SER B 105 -20.87 13.00 -30.83
C SER B 105 -21.97 12.74 -31.85
N GLY B 106 -21.95 11.62 -32.54
CA GLY B 106 -22.95 11.33 -33.55
C GLY B 106 -23.07 12.34 -34.68
N SER B 107 -22.28 13.41 -34.63
CA SER B 107 -22.35 14.42 -35.68
C SER B 107 -21.71 13.90 -36.97
N GLN B 108 -21.77 14.70 -38.03
CA GLN B 108 -21.22 14.29 -39.31
C GLN B 108 -19.71 14.06 -39.26
N ALA B 109 -18.98 14.98 -38.64
CA ALA B 109 -17.53 14.86 -38.52
C ALA B 109 -17.17 13.54 -37.86
N HIS B 110 -17.89 13.20 -36.80
CA HIS B 110 -17.65 11.95 -36.08
C HIS B 110 -17.73 10.77 -37.06
N GLU B 111 -18.88 10.62 -37.70
CA GLU B 111 -19.09 9.52 -38.63
C GLU B 111 -18.03 9.47 -39.74
N GLU B 112 -17.74 10.62 -40.32
CA GLU B 112 -16.75 10.71 -41.37
C GLU B 112 -15.34 10.42 -40.87
N ARG B 113 -15.08 10.71 -39.60
CA ARG B 113 -13.76 10.46 -39.03
C ARG B 113 -13.59 8.96 -38.81
N LEU B 114 -14.66 8.29 -38.38
CA LEU B 114 -14.62 6.86 -38.16
C LEU B 114 -14.33 6.16 -39.47
N GLN B 115 -14.94 6.66 -40.55
CA GLN B 115 -14.75 6.09 -41.87
C GLN B 115 -13.32 6.29 -42.37
N GLU B 116 -12.76 7.47 -42.14
CA GLU B 116 -11.39 7.72 -42.56
C GLU B 116 -10.51 6.68 -41.87
N VAL B 117 -10.73 6.50 -40.57
CA VAL B 117 -9.96 5.54 -39.79
C VAL B 117 -10.09 4.12 -40.34
N GLU B 118 -11.32 3.71 -40.62
CA GLU B 118 -11.55 2.38 -41.18
C GLU B 118 -10.91 2.25 -42.54
N ALA B 119 -10.97 3.31 -43.33
CA ALA B 119 -10.38 3.31 -44.67
C ALA B 119 -8.88 3.10 -44.58
N GLU B 120 -8.25 3.71 -43.58
CA GLU B 120 -6.81 3.58 -43.42
C GLU B 120 -6.33 2.24 -42.85
N VAL B 121 -7.06 1.70 -41.88
CA VAL B 121 -6.66 0.41 -41.31
C VAL B 121 -6.77 -0.69 -42.37
N ALA B 122 -7.90 -0.71 -43.06
CA ALA B 122 -8.17 -1.69 -44.10
C ALA B 122 -7.09 -1.73 -45.17
N SER B 123 -6.60 -0.56 -45.56
CA SER B 123 -5.58 -0.47 -46.60
C SER B 123 -4.13 -0.55 -46.16
N THR B 124 -3.80 0.14 -45.08
CA THR B 124 -2.42 0.16 -44.61
C THR B 124 -2.16 -0.68 -43.36
N GLY B 125 -3.23 -1.04 -42.65
CA GLY B 125 -3.07 -1.85 -41.45
C GLY B 125 -2.79 -1.02 -40.20
N THR B 126 -3.00 0.28 -40.32
CA THR B 126 -2.79 1.21 -39.22
C THR B 126 -3.40 2.52 -39.66
N TYR B 127 -3.23 3.56 -38.86
CA TYR B 127 -3.76 4.87 -39.19
C TYR B 127 -3.00 5.94 -38.41
N HIS B 128 -3.44 7.17 -38.52
CA HIS B 128 -2.80 8.26 -37.81
C HIS B 128 -3.80 9.16 -37.12
N LEU B 129 -3.38 9.75 -36.03
CA LEU B 129 -4.24 10.64 -35.25
C LEU B 129 -4.09 12.06 -35.76
N ARG B 130 -5.06 12.90 -35.43
CA ARG B 130 -5.04 14.31 -35.81
C ARG B 130 -4.51 15.04 -34.58
N GLU B 131 -3.77 16.13 -34.78
CA GLU B 131 -3.21 16.87 -33.65
C GLU B 131 -4.14 17.02 -32.44
N SER B 132 -5.35 17.53 -32.65
CA SER B 132 -6.28 17.69 -31.55
C SER B 132 -6.63 16.35 -30.91
N GLU B 133 -6.72 15.29 -31.71
CA GLU B 133 -7.03 13.97 -31.17
C GLU B 133 -5.85 13.53 -30.29
N LEU B 134 -4.65 13.81 -30.76
CA LEU B 134 -3.44 13.46 -30.02
C LEU B 134 -3.46 14.19 -28.69
N VAL B 135 -3.74 15.49 -28.74
CA VAL B 135 -3.78 16.28 -27.53
C VAL B 135 -4.77 15.68 -26.54
N PHE B 136 -5.97 15.36 -27.02
CA PHE B 136 -7.00 14.76 -26.17
C PHE B 136 -6.52 13.43 -25.62
N GLY B 137 -5.89 12.63 -26.47
CA GLY B 137 -5.39 11.32 -26.04
C GLY B 137 -4.39 11.44 -24.91
N ALA B 138 -3.46 12.38 -25.03
CA ALA B 138 -2.43 12.57 -24.02
C ALA B 138 -3.04 12.93 -22.67
N LYS B 139 -3.93 13.92 -22.65
CA LYS B 139 -4.56 14.35 -21.41
C LYS B 139 -5.33 13.20 -20.78
N GLN B 140 -5.93 12.33 -21.60
CA GLN B 140 -6.66 11.20 -21.05
C GLN B 140 -5.70 10.16 -20.48
N ALA B 141 -4.53 10.01 -21.10
CA ALA B 141 -3.55 9.05 -20.61
C ALA B 141 -3.11 9.46 -19.22
N TRP B 142 -2.90 10.75 -19.01
CA TRP B 142 -2.49 11.21 -17.69
C TRP B 142 -3.66 10.97 -16.75
N ARG B 143 -4.83 11.44 -17.17
CA ARG B 143 -6.03 11.28 -16.38
C ARG B 143 -6.24 9.82 -15.97
N ASN B 144 -5.87 8.87 -16.82
CA ASN B 144 -6.08 7.48 -16.48
C ASN B 144 -4.97 6.78 -15.69
N ALA B 145 -3.80 7.41 -15.54
CA ALA B 145 -2.67 6.80 -14.79
C ALA B 145 -3.03 6.55 -13.32
N PRO B 146 -3.27 5.29 -12.95
CA PRO B 146 -3.63 4.94 -11.58
C PRO B 146 -2.60 5.29 -10.49
N ARG B 147 -1.33 5.36 -10.85
CA ARG B 147 -0.26 5.67 -9.88
C ARG B 147 0.10 7.14 -9.69
N CYS B 148 -0.53 8.03 -10.45
CA CYS B 148 -0.24 9.46 -10.34
C CYS B 148 -1.14 10.20 -9.34
N VAL B 149 -0.51 10.81 -8.32
CA VAL B 149 -1.22 11.55 -7.30
C VAL B 149 -1.53 12.98 -7.72
N GLY B 150 -0.89 13.45 -8.79
CA GLY B 150 -1.13 14.81 -9.23
C GLY B 150 -2.15 14.99 -10.36
N ARG B 151 -2.96 13.97 -10.61
CA ARG B 151 -3.95 14.04 -11.68
C ARG B 151 -4.95 15.20 -11.66
N ILE B 152 -5.02 15.96 -10.58
CA ILE B 152 -5.97 17.06 -10.58
C ILE B 152 -5.58 18.05 -11.67
N GLN B 153 -4.30 18.05 -12.03
CA GLN B 153 -3.77 18.93 -13.06
C GLN B 153 -3.95 18.39 -14.48
N TRP B 154 -4.58 17.21 -14.61
CA TRP B 154 -4.70 16.57 -15.91
C TRP B 154 -5.17 17.43 -17.08
N GLY B 155 -5.96 18.45 -16.80
CA GLY B 155 -6.44 19.29 -17.89
C GLY B 155 -5.44 20.32 -18.39
N LYS B 156 -4.39 20.56 -17.59
CA LYS B 156 -3.38 21.53 -17.98
C LYS B 156 -2.09 20.83 -18.42
N LEU B 157 -2.04 20.46 -19.70
CA LEU B 157 -0.89 19.78 -20.26
C LEU B 157 -0.48 20.33 -21.63
N GLN B 158 0.72 20.89 -21.71
CA GLN B 158 1.22 21.42 -22.98
C GLN B 158 1.67 20.22 -23.80
N VAL B 159 1.05 20.02 -24.96
CA VAL B 159 1.38 18.88 -25.81
C VAL B 159 2.15 19.28 -27.07
N PHE B 160 3.40 18.85 -27.14
CA PHE B 160 4.24 19.15 -28.29
C PHE B 160 4.22 17.98 -29.26
N ASP B 161 3.69 18.23 -30.45
CA ASP B 161 3.59 17.21 -31.48
C ASP B 161 4.95 17.11 -32.18
N ALA B 162 5.69 16.06 -31.91
CA ALA B 162 7.01 15.85 -32.51
C ALA B 162 7.01 14.67 -33.48
N ARG B 163 5.86 14.40 -34.07
CA ARG B 163 5.75 13.29 -35.01
C ARG B 163 6.45 13.63 -36.32
N ASP B 164 6.82 14.90 -36.47
CA ASP B 164 7.55 15.40 -37.63
C ASP B 164 9.02 15.37 -37.19
N CYS B 165 9.56 14.16 -37.11
CA CYS B 165 10.93 13.93 -36.64
C CYS B 165 11.48 12.70 -37.36
N SER B 166 12.69 12.79 -37.90
CA SER B 166 13.28 11.67 -38.62
C SER B 166 14.71 11.33 -38.21
N SER B 167 15.24 12.04 -37.23
CA SER B 167 16.61 11.80 -36.77
C SER B 167 16.73 12.04 -35.27
N ALA B 168 17.69 11.35 -34.66
CA ALA B 168 17.94 11.49 -33.23
C ALA B 168 18.32 12.94 -32.95
N GLN B 169 18.99 13.57 -33.92
CA GLN B 169 19.39 14.96 -33.78
C GLN B 169 18.16 15.84 -33.66
N GLU B 170 17.11 15.48 -34.39
CA GLU B 170 15.86 16.24 -34.34
C GLU B 170 15.23 15.96 -32.99
N MET B 171 15.34 14.74 -32.53
CA MET B 171 14.79 14.39 -31.23
C MET B 171 15.42 15.26 -30.17
N PHE B 172 16.73 15.51 -30.29
CA PHE B 172 17.44 16.32 -29.31
C PHE B 172 17.00 17.78 -29.27
N THR B 173 16.62 18.33 -30.42
CA THR B 173 16.16 19.71 -30.46
C THR B 173 14.80 19.78 -29.77
N TYR B 174 13.93 18.83 -30.08
CA TYR B 174 12.61 18.79 -29.46
C TYR B 174 12.74 18.72 -27.94
N ILE B 175 13.55 17.77 -27.46
CA ILE B 175 13.74 17.60 -26.03
C ILE B 175 14.23 18.88 -25.36
N CYS B 176 15.13 19.59 -26.03
CA CYS B 176 15.63 20.84 -25.45
C CYS B 176 14.50 21.86 -25.35
N ASN B 177 13.66 21.93 -26.37
CA ASN B 177 12.54 22.88 -26.34
C ASN B 177 11.58 22.50 -25.21
N HIS B 178 11.25 21.21 -25.10
CA HIS B 178 10.37 20.71 -24.06
C HIS B 178 10.92 21.09 -22.68
N ILE B 179 12.21 20.84 -22.49
CA ILE B 179 12.85 21.16 -21.22
C ILE B 179 12.81 22.65 -20.93
N LYS B 180 13.13 23.46 -21.92
CA LYS B 180 13.14 24.91 -21.78
C LYS B 180 11.77 25.42 -21.39
N TYR B 181 10.74 24.94 -22.09
CA TYR B 181 9.37 25.34 -21.82
C TYR B 181 8.91 24.82 -20.46
N ALA B 182 9.14 23.54 -20.24
CA ALA B 182 8.73 22.89 -19.00
C ALA B 182 9.28 23.63 -17.79
N THR B 183 10.59 23.88 -17.79
CA THR B 183 11.22 24.56 -16.67
C THR B 183 10.72 25.99 -16.47
N ASN B 184 10.65 26.75 -17.55
CA ASN B 184 10.13 28.11 -17.47
C ASN B 184 10.71 28.88 -16.29
N ARG B 185 12.04 28.87 -16.19
CA ARG B 185 12.76 29.56 -15.11
C ARG B 185 12.34 29.26 -13.67
N GLY B 186 11.84 28.06 -13.43
CA GLY B 186 11.43 27.71 -12.07
C GLY B 186 9.92 27.69 -11.86
N ASN B 187 9.18 28.21 -12.83
CA ASN B 187 7.72 28.22 -12.75
C ASN B 187 7.27 27.09 -13.68
N LEU B 188 7.51 25.86 -13.23
CA LEU B 188 7.20 24.67 -14.01
C LEU B 188 5.79 24.56 -14.56
N ARG B 189 5.73 24.04 -15.78
CA ARG B 189 4.48 23.84 -16.50
C ARG B 189 4.53 22.42 -17.05
N SER B 190 3.49 21.65 -16.76
CA SER B 190 3.41 20.27 -17.22
C SER B 190 3.43 20.20 -18.73
N ALA B 191 4.18 19.24 -19.25
CA ALA B 191 4.26 19.09 -20.69
C ALA B 191 4.67 17.70 -21.14
N ILE B 192 4.30 17.37 -22.37
CA ILE B 192 4.67 16.09 -22.96
C ILE B 192 5.04 16.34 -24.42
N THR B 193 5.97 15.55 -24.92
CA THR B 193 6.42 15.66 -26.31
C THR B 193 6.22 14.28 -26.90
N VAL B 194 5.52 14.23 -28.02
CA VAL B 194 5.22 12.96 -28.67
C VAL B 194 5.95 12.70 -29.97
N PHE B 195 6.83 11.70 -29.96
CA PHE B 195 7.58 11.34 -31.14
C PHE B 195 6.80 10.36 -32.00
N PRO B 196 7.29 10.07 -33.22
CA PRO B 196 6.62 9.14 -34.13
C PRO B 196 6.16 7.83 -33.51
N GLN B 197 4.93 7.45 -33.82
CA GLN B 197 4.35 6.22 -33.32
C GLN B 197 5.21 5.06 -33.83
N ARG B 198 4.96 3.87 -33.28
CA ARG B 198 5.66 2.67 -33.68
C ARG B 198 5.03 2.16 -34.98
N ALA B 199 5.80 1.47 -35.80
CA ALA B 199 5.32 0.95 -37.07
C ALA B 199 5.76 -0.49 -37.26
N PRO B 200 4.91 -1.31 -37.89
CA PRO B 200 5.20 -2.71 -38.13
C PRO B 200 6.50 -2.96 -38.87
N GLY B 201 7.35 -3.82 -38.33
CA GLY B 201 8.60 -4.17 -38.98
C GLY B 201 9.73 -3.12 -38.98
N ARG B 202 9.59 -2.05 -38.20
CA ARG B 202 10.63 -1.01 -38.14
C ARG B 202 10.97 -0.74 -36.67
N GLY B 203 12.21 -0.35 -36.43
CA GLY B 203 12.60 -0.05 -35.08
C GLY B 203 11.85 1.14 -34.48
N ASP B 204 11.76 1.17 -33.16
CA ASP B 204 11.06 2.27 -32.50
C ASP B 204 11.98 3.45 -32.26
N PHE B 205 11.38 4.62 -32.10
CA PHE B 205 12.13 5.79 -31.75
C PHE B 205 12.20 5.58 -30.22
N ARG B 206 13.34 5.83 -29.57
CA ARG B 206 13.42 5.56 -28.15
C ARG B 206 14.37 6.53 -27.45
N ILE B 207 14.05 6.86 -26.21
CA ILE B 207 14.93 7.70 -25.40
C ILE B 207 15.40 6.63 -24.43
N TRP B 208 16.67 6.29 -24.47
CA TRP B 208 17.22 5.25 -23.61
C TRP B 208 17.17 5.57 -22.12
N ASN B 209 17.28 6.85 -21.79
CA ASN B 209 17.25 7.27 -20.40
C ASN B 209 15.85 7.13 -19.81
N SER B 210 15.79 6.84 -18.50
CA SER B 210 14.52 6.68 -17.82
C SER B 210 13.87 8.04 -17.59
N GLN B 211 14.69 9.06 -17.36
CA GLN B 211 14.23 10.43 -17.19
C GLN B 211 15.14 11.31 -18.07
N LEU B 212 14.68 12.47 -18.50
CA LEU B 212 15.52 13.34 -19.34
C LEU B 212 16.68 13.87 -18.51
N VAL B 213 16.50 13.89 -17.20
CA VAL B 213 17.55 14.40 -16.34
C VAL B 213 17.76 13.46 -15.16
N ARG B 214 18.94 12.88 -15.09
CA ARG B 214 19.33 11.96 -14.02
C ARG B 214 20.83 12.13 -13.74
N TYR B 215 21.27 11.66 -12.57
CA TYR B 215 22.66 11.75 -12.20
C TYR B 215 23.38 10.44 -12.41
N ALA B 216 24.61 10.54 -12.89
CA ALA B 216 25.47 9.39 -13.16
C ALA B 216 25.68 8.50 -11.96
N GLY B 217 25.89 7.22 -12.24
CA GLY B 217 26.18 6.25 -11.20
C GLY B 217 27.49 5.61 -11.60
N TYR B 218 28.58 6.06 -10.96
CA TYR B 218 29.91 5.53 -11.28
C TYR B 218 30.31 4.39 -10.37
N ARG B 219 30.45 3.20 -10.94
CA ARG B 219 30.85 2.03 -10.17
C ARG B 219 32.34 2.13 -9.92
N GLN B 220 32.72 2.33 -8.65
CA GLN B 220 34.14 2.44 -8.30
C GLN B 220 34.77 1.12 -7.88
N GLN B 221 36.10 1.10 -7.90
CA GLN B 221 36.88 -0.09 -7.56
C GLN B 221 36.40 -0.88 -6.35
N ASP B 222 36.22 -0.21 -5.22
CA ASP B 222 35.77 -0.85 -3.98
C ASP B 222 34.39 -1.45 -4.10
N GLY B 223 33.83 -1.47 -5.31
CA GLY B 223 32.50 -2.04 -5.49
C GLY B 223 31.38 -1.09 -5.08
N SER B 224 31.73 0.03 -4.47
CA SER B 224 30.73 1.01 -4.05
C SER B 224 30.30 1.78 -5.29
N VAL B 225 29.54 2.86 -5.10
CA VAL B 225 29.10 3.67 -6.22
C VAL B 225 29.02 5.15 -5.89
N ARG B 226 29.58 5.96 -6.78
CA ARG B 226 29.59 7.40 -6.62
C ARG B 226 28.37 7.92 -7.38
N GLY B 227 27.57 8.75 -6.71
CA GLY B 227 26.39 9.30 -7.35
C GLY B 227 25.15 8.45 -7.15
N ASP B 228 24.27 8.41 -8.16
CA ASP B 228 23.03 7.65 -8.08
C ASP B 228 23.16 6.20 -8.52
N PRO B 229 23.16 5.27 -7.56
CA PRO B 229 23.29 3.82 -7.74
C PRO B 229 22.32 3.20 -8.74
N ALA B 230 21.15 3.80 -8.89
CA ALA B 230 20.15 3.26 -9.81
C ALA B 230 20.52 3.52 -11.26
N ASN B 231 21.50 4.38 -11.49
CA ASN B 231 21.92 4.71 -12.84
C ASN B 231 23.27 4.15 -13.29
N VAL B 232 23.76 3.11 -12.63
CA VAL B 232 25.03 2.49 -12.97
C VAL B 232 25.01 2.04 -14.43
N GLU B 233 24.07 1.18 -14.77
CA GLU B 233 23.95 0.64 -16.11
C GLU B 233 23.87 1.72 -17.20
N ILE B 234 22.91 2.62 -17.08
CA ILE B 234 22.76 3.67 -18.09
C ILE B 234 24.05 4.47 -18.22
N THR B 235 24.64 4.84 -17.08
CA THR B 235 25.90 5.59 -17.10
C THR B 235 26.92 4.80 -17.92
N GLU B 236 26.89 3.48 -17.76
CA GLU B 236 27.79 2.58 -18.48
C GLU B 236 27.60 2.78 -19.98
N LEU B 237 26.39 2.47 -20.46
CA LEU B 237 26.03 2.59 -21.87
C LEU B 237 26.48 3.92 -22.45
N CYS B 238 26.33 4.98 -21.66
CA CYS B 238 26.76 6.28 -22.14
C CYS B 238 28.25 6.24 -22.39
N ILE B 239 29.04 6.00 -21.34
CA ILE B 239 30.50 5.93 -21.49
C ILE B 239 30.85 5.00 -22.64
N GLN B 240 30.08 3.93 -22.78
CA GLN B 240 30.30 2.96 -23.84
C GLN B 240 30.26 3.70 -25.19
N HIS B 241 29.26 4.55 -25.39
CA HIS B 241 29.12 5.28 -26.64
C HIS B 241 29.94 6.57 -26.72
N GLY B 242 31.07 6.61 -26.03
CA GLY B 242 31.95 7.78 -26.12
C GLY B 242 31.78 8.99 -25.23
N TRP B 243 31.01 8.88 -24.15
CA TRP B 243 30.84 10.04 -23.27
C TRP B 243 32.03 10.15 -22.31
N THR B 244 32.49 11.38 -22.08
CA THR B 244 33.61 11.57 -21.15
C THR B 244 32.98 11.75 -19.76
N PRO B 245 33.07 10.71 -18.92
CA PRO B 245 32.51 10.72 -17.57
C PRO B 245 33.22 11.62 -16.58
N GLY B 246 32.47 12.03 -15.58
CA GLY B 246 33.03 12.85 -14.51
C GLY B 246 33.27 11.89 -13.37
N ASN B 247 33.29 12.41 -12.15
CA ASN B 247 33.52 11.57 -10.98
C ASN B 247 32.77 12.20 -9.81
N GLY B 248 31.87 13.11 -10.13
CA GLY B 248 31.08 13.78 -9.09
C GLY B 248 29.94 12.90 -8.64
N ARG B 249 29.26 13.35 -7.58
CA ARG B 249 28.15 12.58 -7.04
C ARG B 249 26.85 13.03 -7.71
N PHE B 250 26.89 14.17 -8.38
CA PHE B 250 25.72 14.70 -9.07
C PHE B 250 26.02 15.19 -10.48
N ASP B 251 26.54 14.32 -11.33
CA ASP B 251 26.84 14.68 -12.70
C ASP B 251 25.65 14.39 -13.59
N VAL B 252 25.10 15.43 -14.23
CA VAL B 252 23.97 15.21 -15.11
C VAL B 252 24.38 14.34 -16.29
N LEU B 253 23.62 13.28 -16.50
CA LEU B 253 23.90 12.36 -17.58
C LEU B 253 23.50 12.94 -18.93
N PRO B 254 24.15 12.45 -19.99
CA PRO B 254 23.86 12.91 -21.35
C PRO B 254 22.72 12.00 -21.84
N LEU B 255 22.08 12.37 -22.94
CA LEU B 255 20.99 11.55 -23.47
C LEU B 255 21.43 10.62 -24.58
N LEU B 256 20.83 9.45 -24.63
CA LEU B 256 21.11 8.48 -25.67
C LEU B 256 19.82 8.41 -26.48
N LEU B 257 19.77 9.17 -27.57
CA LEU B 257 18.59 9.21 -28.42
C LEU B 257 18.73 8.22 -29.57
N GLN B 258 17.72 7.39 -29.77
CA GLN B 258 17.75 6.39 -30.81
C GLN B 258 16.68 6.50 -31.89
N ALA B 259 17.10 6.81 -33.11
CA ALA B 259 16.20 6.89 -34.26
C ALA B 259 16.05 5.45 -34.71
N PRO B 260 14.95 5.11 -35.40
CA PRO B 260 14.70 3.75 -35.87
C PRO B 260 15.88 2.97 -36.46
N ASP B 261 16.07 1.76 -35.93
CA ASP B 261 17.13 0.86 -36.37
C ASP B 261 18.50 1.49 -36.53
N GLU B 262 18.79 2.49 -35.71
CA GLU B 262 20.08 3.14 -35.76
C GLU B 262 20.65 3.11 -34.35
N ALA B 263 21.96 2.87 -34.25
CA ALA B 263 22.60 2.85 -32.95
C ALA B 263 22.27 4.19 -32.28
N PRO B 264 21.95 4.16 -30.98
CA PRO B 264 21.62 5.40 -30.27
C PRO B 264 22.77 6.40 -30.34
N GLU B 265 22.42 7.69 -30.31
CA GLU B 265 23.43 8.75 -30.35
C GLU B 265 23.48 9.46 -29.00
N LEU B 266 24.66 9.99 -28.70
CA LEU B 266 24.91 10.69 -27.46
C LEU B 266 24.81 12.21 -27.65
N PHE B 267 24.05 12.88 -26.77
CA PHE B 267 23.91 14.33 -26.83
C PHE B 267 24.00 14.89 -25.42
N VAL B 268 24.78 15.95 -25.26
CA VAL B 268 24.93 16.57 -23.95
C VAL B 268 23.95 17.72 -23.76
N LEU B 269 23.25 17.71 -22.63
CA LEU B 269 22.27 18.76 -22.36
C LEU B 269 22.97 20.04 -21.94
N PRO B 270 22.68 21.14 -22.65
CA PRO B 270 23.31 22.41 -22.30
C PRO B 270 23.06 22.72 -20.83
N PRO B 271 24.15 22.84 -20.05
CA PRO B 271 24.07 23.13 -18.61
C PRO B 271 23.04 24.18 -18.18
N GLU B 272 22.93 25.27 -18.93
CA GLU B 272 21.98 26.32 -18.54
C GLU B 272 20.52 25.90 -18.72
N LEU B 273 20.29 24.83 -19.48
CA LEU B 273 18.93 24.35 -19.70
C LEU B 273 18.47 23.51 -18.50
N VAL B 274 19.43 22.92 -17.81
CA VAL B 274 19.18 22.06 -16.65
C VAL B 274 19.24 22.77 -15.28
N LEU B 275 18.10 23.28 -14.84
CA LEU B 275 17.98 23.98 -13.56
C LEU B 275 18.15 23.02 -12.38
N GLU B 276 18.99 23.40 -11.42
CA GLU B 276 19.23 22.57 -10.25
C GLU B 276 19.02 23.36 -8.97
N VAL B 277 18.63 22.67 -7.89
CA VAL B 277 18.37 23.33 -6.63
C VAL B 277 19.31 22.87 -5.51
N PRO B 278 20.17 23.78 -5.04
CA PRO B 278 21.10 23.43 -3.96
C PRO B 278 20.31 23.24 -2.67
N LEU B 279 20.52 22.10 -2.00
CA LEU B 279 19.79 21.81 -0.78
C LEU B 279 20.44 22.35 0.47
N GLU B 280 19.66 23.07 1.26
CA GLU B 280 20.11 23.63 2.53
C GLU B 280 18.94 23.45 3.49
N HIS B 281 19.16 23.75 4.77
CA HIS B 281 18.12 23.56 5.79
C HIS B 281 17.74 24.86 6.50
N PRO B 282 16.44 25.07 6.72
CA PRO B 282 15.98 26.29 7.39
C PRO B 282 16.72 26.63 8.70
N THR B 283 16.92 25.65 9.57
CA THR B 283 17.58 25.93 10.84
C THR B 283 18.95 25.26 11.01
N LEU B 284 19.11 24.05 10.50
CA LEU B 284 20.38 23.34 10.65
C LEU B 284 21.46 23.86 9.68
N GLU B 285 22.25 24.81 10.17
CA GLU B 285 23.34 25.44 9.42
C GLU B 285 24.25 24.51 8.64
N TRP B 286 24.62 23.39 9.27
CA TRP B 286 25.52 22.42 8.63
C TRP B 286 24.94 21.61 7.48
N PHE B 287 23.61 21.53 7.39
CA PHE B 287 22.99 20.74 6.33
C PHE B 287 23.53 21.06 4.94
N ALA B 288 23.77 22.33 4.68
CA ALA B 288 24.28 22.76 3.38
C ALA B 288 25.68 22.21 3.13
N ALA B 289 26.49 22.14 4.18
CA ALA B 289 27.84 21.63 4.09
C ALA B 289 27.83 20.21 3.50
N LEU B 290 26.66 19.58 3.49
CA LEU B 290 26.56 18.23 2.93
C LEU B 290 26.75 18.27 1.41
N GLY B 291 26.44 19.40 0.78
CA GLY B 291 26.60 19.53 -0.66
C GLY B 291 25.57 18.82 -1.52
N LEU B 292 24.38 18.60 -0.97
CA LEU B 292 23.31 17.91 -1.67
C LEU B 292 22.51 18.83 -2.60
N ARG B 293 21.98 18.26 -3.68
CA ARG B 293 21.20 19.02 -4.63
C ARG B 293 20.39 18.13 -5.58
N TRP B 294 19.31 18.67 -6.14
CA TRP B 294 18.49 17.90 -7.07
C TRP B 294 17.98 18.79 -8.20
N TYR B 295 17.64 18.18 -9.32
CA TYR B 295 17.15 18.92 -10.47
C TYR B 295 15.66 19.25 -10.33
N ALA B 296 15.24 20.32 -10.97
CA ALA B 296 13.87 20.80 -10.89
C ALA B 296 12.84 20.02 -11.71
N LEU B 297 13.27 19.51 -12.85
CA LEU B 297 12.38 18.82 -13.77
C LEU B 297 12.31 17.30 -13.76
N PRO B 298 11.19 16.74 -13.26
CA PRO B 298 11.02 15.29 -13.23
C PRO B 298 10.35 14.94 -14.56
N ALA B 299 11.16 14.47 -15.52
CA ALA B 299 10.67 14.15 -16.85
C ALA B 299 10.82 12.69 -17.28
N VAL B 300 9.81 11.88 -16.98
CA VAL B 300 9.82 10.47 -17.33
C VAL B 300 9.94 10.33 -18.84
N SER B 301 10.88 9.51 -19.30
CA SER B 301 11.10 9.35 -20.74
C SER B 301 11.17 7.93 -21.24
N ASN B 302 10.88 6.95 -20.39
CA ASN B 302 10.95 5.56 -20.82
C ASN B 302 9.63 4.83 -20.96
N MET B 303 8.52 5.52 -20.71
CA MET B 303 7.22 4.86 -20.82
C MET B 303 6.59 5.01 -22.19
N LEU B 304 5.71 4.09 -22.52
CA LEU B 304 5.03 4.09 -23.80
C LEU B 304 3.66 4.70 -23.69
N LEU B 305 3.31 5.56 -24.66
CA LEU B 305 2.00 6.18 -24.66
C LEU B 305 1.15 5.49 -25.71
N GLU B 306 0.05 4.89 -25.27
CA GLU B 306 -0.84 4.21 -26.19
C GLU B 306 -2.17 4.94 -26.32
N ILE B 307 -2.54 5.26 -27.55
CA ILE B 307 -3.80 5.95 -27.80
C ILE B 307 -4.54 5.28 -28.96
N GLY B 308 -5.76 4.84 -28.69
CA GLY B 308 -6.55 4.19 -29.72
C GLY B 308 -5.85 3.09 -30.49
N GLY B 309 -5.04 2.28 -29.81
CA GLY B 309 -4.36 1.20 -30.48
C GLY B 309 -2.99 1.60 -31.01
N LEU B 310 -2.79 2.90 -31.19
CA LEU B 310 -1.49 3.35 -31.67
C LEU B 310 -0.54 3.44 -30.48
N GLU B 311 0.71 3.07 -30.68
CA GLU B 311 1.71 3.09 -29.62
C GLU B 311 2.83 4.08 -29.89
N PHE B 312 3.11 4.90 -28.88
CA PHE B 312 4.18 5.88 -29.00
C PHE B 312 5.30 5.52 -28.05
N SER B 313 6.35 4.91 -28.59
CA SER B 313 7.50 4.47 -27.81
C SER B 313 8.38 5.57 -27.22
N ALA B 314 8.25 6.80 -27.73
CA ALA B 314 9.02 7.94 -27.22
C ALA B 314 8.07 9.12 -26.99
N ALA B 315 7.68 9.32 -25.73
CA ALA B 315 6.75 10.40 -25.38
C ALA B 315 7.07 10.88 -23.99
N PRO B 316 8.22 11.51 -23.81
CA PRO B 316 8.63 12.02 -22.50
C PRO B 316 7.65 13.07 -21.97
N PHE B 317 7.36 12.99 -20.68
CA PHE B 317 6.44 13.93 -20.07
C PHE B 317 6.97 14.45 -18.74
N SER B 318 6.43 15.57 -18.30
CA SER B 318 6.87 16.14 -17.04
C SER B 318 5.86 17.11 -16.45
N GLY B 319 5.88 17.17 -15.13
CA GLY B 319 5.02 18.08 -14.39
C GLY B 319 5.98 18.76 -13.43
N TRP B 320 5.83 18.47 -12.14
CA TRP B 320 6.72 19.03 -11.15
C TRP B 320 6.81 18.04 -10.01
N TYR B 321 7.86 18.13 -9.22
CA TYR B 321 8.08 17.24 -8.10
C TYR B 321 7.19 17.38 -6.89
N MET B 322 6.95 16.24 -6.25
CA MET B 322 6.24 16.23 -4.99
C MET B 322 7.48 15.99 -4.12
N SER B 323 7.69 16.86 -3.14
CA SER B 323 8.85 16.78 -2.26
C SER B 323 9.32 15.40 -1.81
N THR B 324 8.39 14.51 -1.44
CA THR B 324 8.79 13.18 -0.97
C THR B 324 9.58 12.34 -1.95
N GLU B 325 9.36 12.53 -3.25
CA GLU B 325 10.10 11.73 -4.22
C GLU B 325 11.60 12.03 -4.13
N ILE B 326 11.94 13.28 -3.82
CA ILE B 326 13.34 13.69 -3.70
C ILE B 326 13.88 13.41 -2.30
N GLY B 327 13.24 14.02 -1.30
CA GLY B 327 13.67 13.85 0.08
C GLY B 327 13.59 12.46 0.70
N THR B 328 12.64 11.65 0.24
CA THR B 328 12.49 10.31 0.79
C THR B 328 13.03 9.20 -0.13
N ARG B 329 12.45 9.06 -1.31
CA ARG B 329 12.86 8.01 -2.24
C ARG B 329 14.25 8.16 -2.88
N ASN B 330 14.54 9.30 -3.50
CA ASN B 330 15.82 9.48 -4.16
C ASN B 330 17.00 9.68 -3.22
N LEU B 331 16.78 10.38 -2.12
CA LEU B 331 17.86 10.63 -1.18
C LEU B 331 17.97 9.62 -0.04
N CYS B 332 16.86 8.96 0.30
CA CYS B 332 16.86 7.98 1.40
C CYS B 332 16.68 6.51 1.09
N ASP B 333 16.34 6.14 -0.14
CA ASP B 333 16.21 4.72 -0.42
C ASP B 333 17.58 4.09 -0.18
N PRO B 334 17.61 2.87 0.38
CA PRO B 334 18.89 2.21 0.65
C PRO B 334 19.68 1.98 -0.63
N HIS B 335 18.97 1.68 -1.72
CA HIS B 335 19.64 1.44 -2.98
C HIS B 335 19.81 2.70 -3.83
N ARG B 336 19.66 3.87 -3.21
CA ARG B 336 19.85 5.14 -3.91
C ARG B 336 20.96 5.88 -3.15
N TYR B 337 20.84 7.20 -2.98
CA TYR B 337 21.88 7.95 -2.28
C TYR B 337 22.04 7.57 -0.82
N ASN B 338 21.07 6.84 -0.29
CA ASN B 338 21.13 6.34 1.08
C ASN B 338 21.85 7.26 2.08
N ILE B 339 21.36 8.50 2.23
CA ILE B 339 21.96 9.49 3.13
C ILE B 339 21.45 9.59 4.56
N LEU B 340 20.52 8.72 4.96
CA LEU B 340 19.95 8.77 6.30
C LEU B 340 20.95 8.84 7.45
N GLU B 341 21.85 7.86 7.55
CA GLU B 341 22.82 7.83 8.62
C GLU B 341 23.68 9.09 8.71
N ASP B 342 24.15 9.60 7.58
CA ASP B 342 24.96 10.82 7.60
C ASP B 342 24.23 11.96 8.27
N VAL B 343 23.01 12.25 7.80
CA VAL B 343 22.22 13.32 8.38
C VAL B 343 21.98 13.03 9.85
N ALA B 344 21.76 11.75 10.16
CA ALA B 344 21.50 11.34 11.53
C ALA B 344 22.71 11.59 12.42
N VAL B 345 23.90 11.33 11.90
CA VAL B 345 25.10 11.56 12.69
C VAL B 345 25.32 13.06 12.82
N CYS B 346 25.03 13.79 11.75
CA CYS B 346 25.18 15.24 11.78
C CYS B 346 24.18 15.84 12.75
N MET B 347 23.07 15.13 12.96
CA MET B 347 22.05 15.62 13.89
C MET B 347 22.39 15.10 15.27
N ASP B 348 23.47 14.34 15.35
CA ASP B 348 23.92 13.77 16.62
C ASP B 348 22.82 12.92 17.23
N LEU B 349 22.34 11.93 16.48
CA LEU B 349 21.28 11.08 16.98
C LEU B 349 21.79 9.68 17.30
N ASP B 350 21.11 9.04 18.26
CA ASP B 350 21.46 7.70 18.70
C ASP B 350 21.15 6.69 17.62
N THR B 351 22.07 6.55 16.66
CA THR B 351 21.84 5.60 15.56
C THR B 351 22.22 4.20 16.00
N ARG B 352 22.15 3.96 17.31
CA ARG B 352 22.51 2.66 17.87
C ARG B 352 21.35 1.68 17.88
N THR B 353 20.14 2.20 18.03
CA THR B 353 18.96 1.35 18.06
C THR B 353 17.81 1.93 17.23
N THR B 354 17.04 1.03 16.61
CA THR B 354 15.91 1.43 15.80
C THR B 354 14.91 2.26 16.62
N SER B 355 14.79 1.90 17.89
CA SER B 355 13.85 2.56 18.79
C SER B 355 14.01 4.05 19.07
N SER B 356 15.14 4.63 18.64
CA SER B 356 15.35 6.06 18.84
C SER B 356 14.68 6.84 17.70
N LEU B 357 14.17 6.10 16.71
CA LEU B 357 13.50 6.66 15.56
C LEU B 357 14.40 7.66 14.85
N TRP B 358 15.71 7.43 14.94
CA TRP B 358 16.66 8.33 14.29
C TRP B 358 16.37 8.44 12.80
N LYS B 359 16.02 7.32 12.19
CA LYS B 359 15.73 7.30 10.77
C LYS B 359 14.54 8.19 10.42
N ASP B 360 13.47 8.08 11.20
CA ASP B 360 12.25 8.86 10.99
C ASP B 360 12.52 10.34 11.18
N LYS B 361 13.36 10.65 12.16
CA LYS B 361 13.67 12.05 12.42
C LYS B 361 14.50 12.67 11.32
N ALA B 362 15.50 11.95 10.83
CA ALA B 362 16.34 12.49 9.78
C ALA B 362 15.57 12.65 8.48
N ALA B 363 14.67 11.72 8.19
CA ALA B 363 13.89 11.79 6.96
C ALA B 363 13.01 13.04 6.90
N VAL B 364 12.39 13.38 8.02
CA VAL B 364 11.54 14.56 8.08
C VAL B 364 12.35 15.82 7.75
N GLU B 365 13.54 15.92 8.32
CA GLU B 365 14.41 17.07 8.07
C GLU B 365 14.87 17.09 6.63
N ILE B 366 15.19 15.92 6.08
CA ILE B 366 15.63 15.88 4.70
C ILE B 366 14.50 16.36 3.80
N ASN B 367 13.26 15.98 4.12
CA ASN B 367 12.11 16.43 3.34
C ASN B 367 11.87 17.92 3.55
N LEU B 368 12.11 18.39 4.76
CA LEU B 368 11.92 19.81 5.06
C LEU B 368 12.94 20.63 4.27
N ALA B 369 14.17 20.14 4.23
CA ALA B 369 15.23 20.83 3.51
C ALA B 369 14.85 21.01 2.05
N VAL B 370 14.34 19.94 1.44
CA VAL B 370 13.95 20.01 0.02
C VAL B 370 12.90 21.08 -0.19
N LEU B 371 11.82 21.04 0.59
CA LEU B 371 10.75 22.02 0.46
C LEU B 371 11.30 23.42 0.68
N HIS B 372 12.11 23.57 1.72
CA HIS B 372 12.69 24.87 2.02
C HIS B 372 13.51 25.34 0.83
N SER B 373 14.49 24.52 0.45
CA SER B 373 15.37 24.87 -0.66
C SER B 373 14.63 25.19 -1.94
N PHE B 374 13.72 24.33 -2.37
CA PHE B 374 12.98 24.59 -3.60
C PHE B 374 12.19 25.90 -3.52
N GLN B 375 11.65 26.19 -2.33
CA GLN B 375 10.89 27.42 -2.16
C GLN B 375 11.83 28.63 -2.22
N LEU B 376 13.06 28.44 -1.76
CA LEU B 376 14.05 29.50 -1.79
C LEU B 376 14.50 29.75 -3.23
N ALA B 377 14.72 28.68 -3.99
CA ALA B 377 15.14 28.84 -5.37
C ALA B 377 13.97 29.22 -6.26
N LYS B 378 12.83 29.51 -5.64
CA LYS B 378 11.63 29.88 -6.39
C LYS B 378 11.35 28.87 -7.52
N VAL B 379 11.30 27.60 -7.14
CA VAL B 379 11.05 26.53 -8.10
C VAL B 379 9.83 25.74 -7.63
N THR B 380 8.90 25.52 -8.54
CA THR B 380 7.67 24.80 -8.25
C THR B 380 7.88 23.45 -7.59
N ILE B 381 7.10 23.19 -6.54
CA ILE B 381 7.16 21.93 -5.84
C ILE B 381 5.92 21.82 -4.95
N VAL B 382 5.54 20.60 -4.62
CA VAL B 382 4.36 20.40 -3.78
C VAL B 382 4.66 19.36 -2.70
N ASP B 383 4.25 19.64 -1.45
CA ASP B 383 4.49 18.70 -0.37
C ASP B 383 3.44 17.61 -0.46
N HIS B 384 3.68 16.48 0.23
CA HIS B 384 2.76 15.35 0.18
C HIS B 384 1.38 15.59 0.78
N HIS B 385 1.30 16.51 1.72
CA HIS B 385 0.01 16.82 2.34
C HIS B 385 -0.82 17.59 1.34
N ALA B 386 -0.25 18.66 0.81
CA ALA B 386 -0.95 19.47 -0.17
C ALA B 386 -1.40 18.62 -1.35
N ALA B 387 -0.48 17.79 -1.86
CA ALA B 387 -0.77 16.94 -3.01
C ALA B 387 -1.88 15.93 -2.81
N THR B 388 -1.91 15.24 -1.67
CA THR B 388 -2.95 14.23 -1.45
C THR B 388 -4.30 14.88 -1.19
N VAL B 389 -4.30 16.08 -0.64
CA VAL B 389 -5.54 16.81 -0.39
C VAL B 389 -6.15 17.09 -1.77
N SER B 390 -5.30 17.55 -2.69
CA SER B 390 -5.74 17.84 -4.04
C SER B 390 -6.21 16.58 -4.75
N PHE B 391 -5.58 15.44 -4.46
CA PHE B 391 -5.98 14.19 -5.09
C PHE B 391 -7.39 13.81 -4.61
N MET B 392 -7.67 14.06 -3.33
CA MET B 392 -8.98 13.77 -2.78
C MET B 392 -10.04 14.56 -3.57
N LYS B 393 -9.75 15.84 -3.82
CA LYS B 393 -10.69 16.68 -4.57
C LYS B 393 -10.88 16.11 -5.96
N HIS B 394 -9.78 15.65 -6.55
CA HIS B 394 -9.81 15.09 -7.89
C HIS B 394 -10.69 13.86 -7.92
N LEU B 395 -10.64 13.06 -6.86
CA LEU B 395 -11.45 11.85 -6.77
C LEU B 395 -12.93 12.22 -6.85
N ASP B 396 -13.30 13.30 -6.19
CA ASP B 396 -14.69 13.74 -6.20
C ASP B 396 -15.10 14.26 -7.57
N ASN B 397 -14.26 15.08 -8.20
CA ASN B 397 -14.58 15.62 -9.52
C ASN B 397 -14.73 14.48 -10.53
N GLU B 398 -13.93 13.44 -10.36
CA GLU B 398 -13.96 12.29 -11.25
C GLU B 398 -15.15 11.39 -10.99
N GLN B 399 -15.59 11.34 -9.74
CA GLN B 399 -16.74 10.51 -9.37
C GLN B 399 -17.99 11.08 -10.03
N LYS B 400 -18.09 12.40 -10.09
CA LYS B 400 -19.22 13.07 -10.69
C LYS B 400 -19.08 13.09 -12.22
N ALA B 401 -17.86 13.32 -12.68
CA ALA B 401 -17.57 13.39 -14.12
C ALA B 401 -17.63 12.05 -14.84
N ARG B 402 -17.15 10.98 -14.21
CA ARG B 402 -17.16 9.68 -14.87
C ARG B 402 -17.66 8.56 -13.98
N GLY B 403 -18.05 8.88 -12.76
CA GLY B 403 -18.54 7.86 -11.85
C GLY B 403 -17.47 6.90 -11.35
N GLY B 404 -16.27 7.43 -11.14
CA GLY B 404 -15.19 6.60 -10.65
C GLY B 404 -13.82 7.14 -11.05
N CYS B 405 -12.77 6.53 -10.50
CA CYS B 405 -11.40 6.92 -10.81
C CYS B 405 -10.43 5.80 -10.47
N PRO B 406 -9.76 5.25 -11.48
CA PRO B 406 -8.81 4.19 -11.19
C PRO B 406 -7.62 4.76 -10.41
N ALA B 407 -7.28 4.09 -9.32
CA ALA B 407 -6.20 4.51 -8.46
C ALA B 407 -5.51 3.30 -7.84
N ASP B 408 -4.20 3.44 -7.65
CA ASP B 408 -3.38 2.38 -7.07
C ASP B 408 -2.92 2.91 -5.73
N TRP B 409 -3.62 2.47 -4.69
CA TRP B 409 -3.37 2.89 -3.32
C TRP B 409 -1.90 2.86 -2.86
N ALA B 410 -1.15 1.87 -3.28
CA ALA B 410 0.24 1.75 -2.84
C ALA B 410 1.15 2.82 -3.42
N TRP B 411 0.68 3.50 -4.46
CA TRP B 411 1.45 4.56 -5.10
C TRP B 411 0.92 5.95 -4.79
N ILE B 412 -0.37 6.03 -4.45
CA ILE B 412 -0.98 7.32 -4.13
C ILE B 412 -0.58 7.78 -2.73
N VAL B 413 -0.48 6.84 -1.81
CA VAL B 413 -0.07 7.16 -0.45
C VAL B 413 1.45 7.41 -0.46
N PRO B 414 1.89 8.57 0.07
CA PRO B 414 3.31 8.95 0.12
C PRO B 414 4.16 7.92 0.87
N PRO B 415 5.48 7.91 0.61
CA PRO B 415 6.43 6.99 1.24
C PRO B 415 6.78 7.30 2.71
N ILE B 416 6.22 8.37 3.25
CA ILE B 416 6.41 8.74 4.65
C ILE B 416 5.08 9.30 5.11
N SER B 417 4.79 9.17 6.40
CA SER B 417 3.56 9.71 6.97
C SER B 417 2.29 9.25 6.24
N GLY B 418 2.27 7.99 5.83
CA GLY B 418 1.12 7.45 5.13
C GLY B 418 -0.25 7.76 5.70
N SER B 419 -0.52 7.30 6.93
CA SER B 419 -1.83 7.53 7.53
C SER B 419 -2.07 8.97 7.93
N LEU B 420 -1.00 9.77 7.91
CA LEU B 420 -1.10 11.19 8.23
C LEU B 420 -1.78 11.96 7.07
N THR B 421 -1.96 11.29 5.93
CA THR B 421 -2.61 11.93 4.78
C THR B 421 -3.97 11.29 4.53
N PRO B 422 -4.92 12.05 3.93
CA PRO B 422 -6.29 11.61 3.62
C PRO B 422 -6.48 10.43 2.68
N VAL B 423 -5.56 10.25 1.73
CA VAL B 423 -5.71 9.15 0.78
C VAL B 423 -5.51 7.79 1.42
N PHE B 424 -4.79 7.76 2.53
CA PHE B 424 -4.55 6.51 3.23
C PHE B 424 -5.86 5.88 3.68
N HIS B 425 -6.77 6.71 4.16
CA HIS B 425 -8.05 6.26 4.69
C HIS B 425 -9.14 6.12 3.61
N GLN B 426 -8.74 6.26 2.36
CA GLN B 426 -9.64 6.18 1.22
C GLN B 426 -9.44 4.90 0.40
N GLU B 427 -10.47 4.05 0.34
CA GLU B 427 -10.34 2.82 -0.44
C GLU B 427 -10.30 3.18 -1.92
N MET B 428 -9.66 2.34 -2.72
CA MET B 428 -9.53 2.63 -4.14
C MET B 428 -9.67 1.38 -4.99
N VAL B 429 -10.14 1.59 -6.22
CA VAL B 429 -10.34 0.53 -7.19
C VAL B 429 -9.27 0.76 -8.24
N ASN B 430 -8.55 -0.27 -8.62
CA ASN B 430 -7.50 -0.09 -9.62
C ASN B 430 -7.81 -0.90 -10.86
N TYR B 431 -7.76 -0.24 -12.02
CA TYR B 431 -8.04 -0.88 -13.28
C TYR B 431 -7.39 -0.09 -14.40
N ILE B 432 -7.29 -0.70 -15.58
CA ILE B 432 -6.65 -0.08 -16.72
C ILE B 432 -7.64 0.51 -17.74
N LEU B 433 -7.54 1.81 -17.97
CA LEU B 433 -8.36 2.51 -18.95
C LEU B 433 -7.42 2.97 -20.05
N SER B 434 -7.95 3.15 -21.25
CA SER B 434 -7.14 3.62 -22.37
C SER B 434 -7.83 4.87 -22.92
N PRO B 435 -7.07 5.88 -23.37
CA PRO B 435 -5.60 6.06 -23.45
C PRO B 435 -4.85 5.70 -22.18
N ALA B 436 -3.59 5.31 -22.33
CA ALA B 436 -2.81 4.90 -21.19
C ALA B 436 -1.30 5.00 -21.35
N PHE B 437 -0.62 5.10 -20.21
CA PHE B 437 0.84 5.13 -20.20
C PHE B 437 1.22 3.73 -19.73
N ARG B 438 2.09 3.06 -20.47
CA ARG B 438 2.50 1.71 -20.09
C ARG B 438 4.02 1.59 -20.05
N TYR B 439 4.49 0.51 -19.42
CA TYR B 439 5.90 0.22 -19.34
C TYR B 439 6.25 -0.57 -20.59
N GLN B 440 7.50 -0.45 -21.03
CA GLN B 440 7.94 -1.19 -22.19
C GLN B 440 9.36 -1.71 -21.95
N PRO B 441 9.83 -2.64 -22.80
CA PRO B 441 11.17 -3.21 -22.64
C PRO B 441 12.30 -2.19 -22.81
N ASP B 442 13.38 -2.36 -22.04
CA ASP B 442 14.53 -1.47 -22.18
C ASP B 442 15.05 -1.80 -23.59
N PRO B 443 15.33 -0.76 -24.40
CA PRO B 443 15.83 -0.90 -25.77
C PRO B 443 17.17 -1.61 -25.99
N TRP B 444 17.79 -2.12 -24.94
CA TRP B 444 19.09 -2.77 -25.14
C TRP B 444 19.12 -4.24 -24.71
#